data_8Q26
#
_entry.id   8Q26
#
_cell.length_a   79.220
_cell.length_b   177.870
_cell.length_c   57.930
_cell.angle_alpha   90.000
_cell.angle_beta   90.000
_cell.angle_gamma   90.000
#
_symmetry.space_group_name_H-M   'P 21 21 2'
#
loop_
_entity.id
_entity.type
_entity.pdbx_description
1 polymer 'Glycylpeptide N-tetradecanoyltransferase 1'
2 polymer MYR-GLY-ASN-CYS-PHE-SER-LYS-PRO-ARG
3 non-polymer 'COENZYME A'
4 non-polymer 'CHLORIDE ION'
5 non-polymer 'MAGNESIUM ION'
6 non-polymer 'MYRISTIC ACID'
7 water water
#
loop_
_entity_poly.entity_id
_entity_poly.type
_entity_poly.pdbx_seq_one_letter_code
_entity_poly.pdbx_strand_id
1 'polypeptide(L)'
;GSEFSVGQGPAKTMEEASKRSYQFWDTQPVPKLGEVVNTHGPVEPDKDNIRQEPYTLPQGFTWDALDLGDRGVLKELYTL
LNENYVEDDDNMFRFDYSPEFLLWALRPPGWLPQWHCGVRVVSSRKLVGFISAIPANIHIYDTEKKMVEINFLCVHKKLR
SKRVAPVLIREITRRVHLEGIFQAVYTAGVVLPKPVGTCRYWHRSLNPRKLIEVKFSHLSRNMTMQRTMKLYRLPETPKT
AGLRPMETKDIPVVHQLLTRYLKQFHLTPVMSQEEVEHWFYPQENIIDTFVVENANGEVTDFLSFYTLPSTIMNHPTHKS
LKAAYSFYNVHTQTPLLDLMSDALVLAKMKGFDVFNALDLMENKTFLEKLKFGIGDGNLQYYLYNWKCPSMGAEKVGLVL
Q
;
A,B
2 'polypeptide(L)' GNCFSKPR E,F
#
loop_
_chem_comp.id
_chem_comp.type
_chem_comp.name
_chem_comp.formula
CL non-polymer 'CHLORIDE ION' 'Cl -1'
COA non-polymer 'COENZYME A' 'C21 H36 N7 O16 P3 S'
MG non-polymer 'MAGNESIUM ION' 'Mg 2'
MYR non-polymer 'MYRISTIC ACID' 'C14 H28 O2'
#
# COMPACT_ATOMS: atom_id res chain seq x y z
N GLY A 9 0.96 -24.97 26.08
CA GLY A 9 -0.20 -25.84 25.95
C GLY A 9 -1.18 -25.44 24.86
N PRO A 10 -0.87 -25.78 23.61
CA PRO A 10 -1.75 -25.42 22.50
C PRO A 10 -2.90 -26.40 22.34
N ALA A 11 -4.02 -25.89 21.85
CA ALA A 11 -5.25 -26.66 21.70
C ALA A 11 -5.47 -26.97 20.22
N LYS A 12 -5.61 -28.26 19.89
CA LYS A 12 -5.82 -28.69 18.52
C LYS A 12 -7.31 -28.81 18.18
N THR A 13 -8.13 -29.23 19.14
CA THR A 13 -9.55 -29.40 18.95
C THR A 13 -10.31 -28.33 19.72
N MET A 14 -11.57 -28.10 19.32
CA MET A 14 -12.40 -27.14 20.05
C MET A 14 -12.70 -27.61 21.46
N GLU A 15 -12.75 -28.92 21.67
CA GLU A 15 -12.99 -29.47 23.00
C GLU A 15 -11.86 -29.08 23.95
N GLU A 16 -10.62 -29.39 23.57
CA GLU A 16 -9.47 -29.02 24.39
C GLU A 16 -9.32 -27.51 24.51
N ALA A 17 -9.89 -26.75 23.56
CA ALA A 17 -9.80 -25.29 23.60
C ALA A 17 -10.77 -24.69 24.59
N SER A 18 -11.96 -25.27 24.72
CA SER A 18 -12.94 -24.76 25.67
C SER A 18 -12.42 -24.83 27.11
N LYS A 19 -11.54 -25.80 27.39
CA LYS A 19 -10.93 -25.97 28.70
C LYS A 19 -9.58 -25.25 28.81
N ARG A 20 -9.39 -24.17 28.07
CA ARG A 20 -8.10 -23.48 28.02
C ARG A 20 -8.28 -22.05 28.49
N SER A 21 -7.27 -21.55 29.19
CA SER A 21 -7.14 -20.14 29.53
C SER A 21 -6.23 -19.48 28.49
N TYR A 22 -6.64 -18.32 28.00
CA TYR A 22 -5.88 -17.61 26.97
C TYR A 22 -5.43 -16.29 27.55
N GLN A 23 -4.39 -16.33 28.39
CA GLN A 23 -3.89 -15.12 29.02
C GLN A 23 -3.53 -14.05 28.00
N PHE A 24 -2.88 -14.43 26.90
CA PHE A 24 -2.51 -13.44 25.90
C PHE A 24 -3.71 -13.03 25.06
N TRP A 25 -4.40 -13.99 24.44
CA TRP A 25 -5.44 -13.62 23.49
C TRP A 25 -6.60 -12.90 24.16
N ASP A 26 -6.83 -13.13 25.45
CA ASP A 26 -7.85 -12.37 26.15
C ASP A 26 -7.56 -10.86 26.13
N THR A 27 -6.29 -10.47 26.01
CA THR A 27 -5.93 -9.05 26.03
C THR A 27 -6.06 -8.39 24.67
N GLN A 28 -6.36 -9.18 23.58
CA GLN A 28 -6.31 -8.76 22.18
C GLN A 28 -7.70 -8.44 21.65
N PRO A 29 -7.79 -7.59 20.62
CA PRO A 29 -9.12 -7.28 20.06
C PRO A 29 -9.60 -8.36 19.11
N VAL A 30 -9.90 -9.53 19.68
CA VAL A 30 -10.51 -10.65 18.97
C VAL A 30 -11.69 -11.15 19.81
N PRO A 31 -12.70 -11.77 19.22
CA PRO A 31 -13.78 -12.32 20.04
C PRO A 31 -13.30 -13.50 20.88
N LYS A 32 -13.97 -13.71 22.01
CA LYS A 32 -13.69 -14.89 22.81
C LYS A 32 -14.28 -16.12 22.14
N LEU A 33 -13.72 -17.28 22.49
CA LEU A 33 -14.18 -18.54 21.92
C LEU A 33 -15.67 -18.78 22.17
N GLY A 34 -16.13 -18.47 23.38
CA GLY A 34 -17.51 -18.78 23.72
C GLY A 34 -18.51 -18.01 22.88
N GLU A 35 -18.30 -16.70 22.72
CA GLU A 35 -19.31 -15.84 22.14
C GLU A 35 -19.57 -16.18 20.68
N VAL A 36 -20.81 -15.98 20.25
CA VAL A 36 -21.19 -16.02 18.84
C VAL A 36 -21.37 -14.59 18.37
N VAL A 37 -20.90 -14.30 17.16
CA VAL A 37 -20.86 -12.94 16.64
C VAL A 37 -22.07 -12.71 15.76
N ASN A 38 -22.83 -11.67 16.07
CA ASN A 38 -24.02 -11.31 15.31
C ASN A 38 -23.83 -10.03 14.49
N THR A 39 -22.69 -9.35 14.62
CA THR A 39 -22.45 -8.06 13.97
C THR A 39 -21.23 -8.13 13.06
N HIS A 40 -20.96 -7.02 12.40
CA HIS A 40 -19.84 -6.89 11.46
C HIS A 40 -19.10 -5.59 11.75
N GLY A 41 -17.82 -5.68 12.06
CA GLY A 41 -17.00 -4.50 12.16
C GLY A 41 -15.82 -4.63 13.09
N PRO A 42 -15.09 -3.53 13.28
CA PRO A 42 -13.90 -3.56 14.11
C PRO A 42 -14.24 -3.90 15.56
N VAL A 43 -13.33 -4.62 16.21
CA VAL A 43 -13.53 -4.90 17.63
C VAL A 43 -13.27 -3.65 18.46
N GLU A 44 -12.28 -2.86 18.06
CA GLU A 44 -11.93 -1.61 18.74
C GLU A 44 -11.60 -0.57 17.69
N PRO A 45 -11.76 0.72 18.02
CA PRO A 45 -11.47 1.78 17.03
C PRO A 45 -10.02 1.79 16.63
N ASP A 46 -9.75 2.43 15.50
CA ASP A 46 -8.37 2.67 15.10
C ASP A 46 -7.68 3.55 16.13
N LYS A 47 -6.43 3.24 16.43
CA LYS A 47 -5.64 4.05 17.35
C LYS A 47 -5.04 5.23 16.60
N ASP A 48 -5.08 6.42 17.19
CA ASP A 48 -4.48 7.58 16.53
C ASP A 48 -3.14 7.98 17.14
N ASN A 49 -2.63 7.24 18.11
CA ASN A 49 -1.21 7.28 18.42
C ASN A 49 -0.74 5.87 18.71
N ILE A 50 0.47 5.58 18.23
CA ILE A 50 1.04 4.24 18.25
C ILE A 50 2.34 4.28 19.04
N ARG A 51 2.53 3.28 19.89
CA ARG A 51 3.79 3.08 20.59
C ARG A 51 4.97 3.15 19.63
N GLN A 52 5.92 4.06 19.91
CA GLN A 52 7.07 4.26 19.06
C GLN A 52 8.22 3.31 19.35
N GLU A 53 8.26 2.73 20.53
CA GLU A 53 9.40 1.91 20.89
C GLU A 53 9.08 0.44 20.68
N PRO A 54 10.02 -0.33 20.18
CA PRO A 54 9.82 -1.78 20.07
C PRO A 54 9.57 -2.38 21.43
N TYR A 55 8.76 -3.43 21.45
CA TYR A 55 8.50 -4.14 22.70
C TYR A 55 9.77 -4.76 23.24
N THR A 56 9.84 -4.86 24.56
CA THR A 56 10.98 -5.44 25.26
C THR A 56 11.06 -6.94 25.05
N LEU A 57 12.23 -7.41 24.63
CA LEU A 57 12.57 -8.82 24.55
C LEU A 57 13.27 -9.27 25.82
N PRO A 58 13.27 -10.57 26.10
CA PRO A 58 14.08 -11.06 27.23
C PRO A 58 15.53 -10.65 27.06
N GLN A 59 16.22 -10.50 28.19
CA GLN A 59 17.62 -10.10 28.17
C GLN A 59 18.43 -11.04 27.28
N GLY A 60 19.34 -10.46 26.49
CA GLY A 60 20.18 -11.24 25.61
C GLY A 60 19.65 -11.44 24.21
N PHE A 61 18.50 -10.85 23.89
CA PHE A 61 17.90 -10.99 22.57
C PHE A 61 17.54 -9.60 22.05
N THR A 62 17.60 -9.46 20.73
CA THR A 62 17.40 -8.16 20.11
C THR A 62 16.58 -8.33 18.83
N TRP A 63 15.82 -7.30 18.50
CA TRP A 63 15.12 -7.27 17.22
C TRP A 63 16.11 -7.09 16.08
N ASP A 64 15.77 -7.64 14.92
CA ASP A 64 16.52 -7.37 13.70
C ASP A 64 15.62 -7.61 12.51
N ALA A 65 15.35 -6.55 11.73
CA ALA A 65 14.61 -6.72 10.48
C ALA A 65 15.50 -7.43 9.46
N LEU A 66 14.93 -8.44 8.79
CA LEU A 66 15.71 -9.30 7.91
C LEU A 66 15.59 -8.81 6.48
N ASP A 67 16.73 -8.46 5.88
CA ASP A 67 16.77 -8.11 4.48
C ASP A 67 16.87 -9.42 3.70
N LEU A 68 15.74 -9.87 3.17
CA LEU A 68 15.73 -11.15 2.48
C LEU A 68 16.38 -11.08 1.11
N GLY A 69 16.71 -9.87 0.63
CA GLY A 69 17.52 -9.74 -0.57
C GLY A 69 18.99 -10.02 -0.34
N ASP A 70 19.41 -10.09 0.93
CA ASP A 70 20.73 -10.59 1.29
C ASP A 70 20.65 -12.12 1.35
N ARG A 71 21.36 -12.79 0.43
CA ARG A 71 21.26 -14.25 0.33
C ARG A 71 21.65 -14.94 1.64
N GLY A 72 22.60 -14.38 2.38
CA GLY A 72 22.99 -15.00 3.65
C GLY A 72 21.91 -14.90 4.71
N VAL A 73 21.27 -13.74 4.81
CA VAL A 73 20.18 -13.56 5.76
C VAL A 73 18.97 -14.41 5.36
N LEU A 74 18.67 -14.48 4.07
CA LEU A 74 17.59 -15.34 3.64
C LEU A 74 17.87 -16.78 4.03
N LYS A 75 19.12 -17.21 3.91
CA LYS A 75 19.46 -18.58 4.27
C LYS A 75 19.38 -18.80 5.77
N GLU A 76 19.66 -17.75 6.57
CA GLU A 76 19.46 -17.89 8.01
C GLU A 76 17.99 -18.14 8.34
N LEU A 77 17.10 -17.44 7.64
CA LEU A 77 15.68 -17.62 7.86
C LEU A 77 15.24 -19.00 7.39
N TYR A 78 15.72 -19.43 6.22
CA TYR A 78 15.45 -20.79 5.77
C TYR A 78 15.79 -21.80 6.86
N THR A 79 16.96 -21.62 7.48
CA THR A 79 17.42 -22.59 8.47
C THR A 79 16.58 -22.54 9.74
N LEU A 80 16.26 -21.33 10.22
CA LEU A 80 15.39 -21.22 11.39
C LEU A 80 14.10 -22.00 11.18
N LEU A 81 13.43 -21.75 10.05
CA LEU A 81 12.18 -22.45 9.77
C LEU A 81 12.41 -23.93 9.51
N ASN A 82 13.47 -24.27 8.77
CA ASN A 82 13.74 -25.66 8.47
C ASN A 82 13.92 -26.49 9.74
N GLU A 83 14.48 -25.90 10.79
CA GLU A 83 14.76 -26.63 12.02
C GLU A 83 13.71 -26.43 13.10
N ASN A 84 12.87 -25.38 13.02
CA ASN A 84 12.00 -25.04 14.14
C ASN A 84 10.56 -24.71 13.77
N TYR A 85 10.15 -24.80 12.51
CA TYR A 85 8.82 -24.35 12.14
C TYR A 85 7.82 -25.51 12.31
N VAL A 86 6.64 -25.39 11.71
CA VAL A 86 5.51 -26.26 12.02
C VAL A 86 5.81 -27.72 11.68
N GLU A 87 5.42 -28.61 12.59
CA GLU A 87 5.54 -30.05 12.43
C GLU A 87 4.15 -30.68 12.45
N ASP A 88 4.06 -31.90 11.97
CA ASP A 88 2.82 -32.64 12.07
C ASP A 88 2.55 -33.00 13.53
N ASP A 89 1.36 -33.58 13.76
CA ASP A 89 0.92 -33.87 15.12
C ASP A 89 1.84 -34.84 15.85
N ASP A 90 2.50 -35.74 15.11
CA ASP A 90 3.32 -36.79 15.71
C ASP A 90 4.81 -36.50 15.62
N ASN A 91 5.19 -35.29 15.20
CA ASN A 91 6.60 -34.88 15.15
C ASN A 91 7.42 -35.80 14.26
N MET A 92 6.85 -36.15 13.10
CA MET A 92 7.54 -36.93 12.09
C MET A 92 7.93 -36.13 10.87
N PHE A 93 7.22 -35.04 10.59
CA PHE A 93 7.45 -34.20 9.41
C PHE A 93 7.46 -32.74 9.84
N ARG A 94 8.24 -31.93 9.12
CA ARG A 94 8.32 -30.49 9.38
C ARG A 94 8.36 -29.75 8.04
N PHE A 95 7.67 -28.62 7.96
CA PHE A 95 7.70 -27.84 6.72
C PHE A 95 9.13 -27.52 6.34
N ASP A 96 9.42 -27.51 5.03
CA ASP A 96 10.74 -27.17 4.52
C ASP A 96 10.60 -26.14 3.39
N TYR A 97 10.06 -24.97 3.75
CA TYR A 97 9.95 -23.86 2.81
C TYR A 97 11.31 -23.51 2.24
N SER A 98 11.39 -23.45 0.92
CA SER A 98 12.67 -23.17 0.30
C SER A 98 13.01 -21.69 0.42
N PRO A 99 14.28 -21.32 0.26
CA PRO A 99 14.63 -19.90 0.22
C PRO A 99 13.87 -19.12 -0.84
N GLU A 100 13.78 -19.67 -2.06
CA GLU A 100 13.15 -18.92 -3.13
C GLU A 100 11.64 -18.84 -2.94
N PHE A 101 11.03 -19.86 -2.33
CA PHE A 101 9.63 -19.79 -1.92
C PHE A 101 9.42 -18.69 -0.89
N LEU A 102 10.29 -18.64 0.12
CA LEU A 102 10.16 -17.59 1.13
C LEU A 102 10.20 -16.20 0.50
N LEU A 103 11.06 -16.01 -0.52
CA LEU A 103 11.11 -14.72 -1.18
C LEU A 103 9.79 -14.39 -1.86
N TRP A 104 9.19 -15.40 -2.51
CA TRP A 104 7.89 -15.25 -3.15
C TRP A 104 6.81 -14.91 -2.13
N ALA A 105 6.78 -15.63 -1.02
CA ALA A 105 5.74 -15.43 -0.03
C ALA A 105 5.91 -14.12 0.72
N LEU A 106 7.14 -13.64 0.84
CA LEU A 106 7.40 -12.51 1.73
C LEU A 106 7.68 -11.21 1.00
N ARG A 107 7.86 -11.22 -0.31
CA ARG A 107 8.04 -9.97 -1.06
C ARG A 107 7.01 -9.82 -2.17
N PRO A 108 5.72 -9.94 -1.87
CA PRO A 108 4.72 -9.57 -2.86
C PRO A 108 4.69 -8.05 -3.01
N PRO A 109 3.91 -7.54 -3.96
CA PRO A 109 3.80 -6.08 -4.11
C PRO A 109 3.42 -5.41 -2.79
N GLY A 110 4.11 -4.31 -2.48
CA GLY A 110 3.82 -3.57 -1.28
C GLY A 110 4.53 -4.07 -0.04
N TRP A 111 5.38 -5.09 -0.16
CA TRP A 111 6.07 -5.62 1.02
C TRP A 111 6.94 -4.54 1.66
N LEU A 112 7.10 -4.64 2.97
CA LEU A 112 7.89 -3.67 3.72
C LEU A 112 8.99 -4.38 4.50
N PRO A 113 10.19 -3.82 4.54
CA PRO A 113 11.29 -4.48 5.26
C PRO A 113 11.05 -4.62 6.75
N GLN A 114 10.42 -3.63 7.39
CA GLN A 114 10.20 -3.74 8.84
C GLN A 114 9.18 -4.81 9.21
N TRP A 115 8.45 -5.34 8.22
CA TRP A 115 7.48 -6.41 8.47
C TRP A 115 8.10 -7.80 8.34
N HIS A 116 9.41 -7.90 8.12
CA HIS A 116 10.14 -9.15 8.20
C HIS A 116 10.91 -9.11 9.52
N CYS A 117 10.21 -9.48 10.59
CA CYS A 117 10.58 -9.14 11.95
C CYS A 117 11.31 -10.31 12.60
N GLY A 118 12.65 -10.21 12.69
CA GLY A 118 13.46 -11.26 13.29
C GLY A 118 13.90 -10.95 14.72
N VAL A 119 14.23 -12.02 15.44
CA VAL A 119 14.84 -11.96 16.77
C VAL A 119 16.18 -12.66 16.71
N ARG A 120 17.22 -12.01 17.24
CA ARG A 120 18.56 -12.59 17.27
C ARG A 120 19.09 -12.66 18.69
N VAL A 121 19.97 -13.63 18.92
CA VAL A 121 20.77 -13.64 20.14
C VAL A 121 21.80 -12.53 20.05
N VAL A 122 21.88 -11.69 21.08
CA VAL A 122 22.75 -10.51 21.01
C VAL A 122 24.19 -10.92 20.77
N SER A 123 24.69 -11.90 21.52
CA SER A 123 26.12 -12.24 21.47
C SER A 123 26.47 -12.99 20.19
N SER A 124 25.70 -14.01 19.85
CA SER A 124 26.04 -14.87 18.71
C SER A 124 25.46 -14.40 17.40
N ARG A 125 24.44 -13.54 17.42
CA ARG A 125 23.68 -13.12 16.25
C ARG A 125 22.82 -14.24 15.68
N LYS A 126 22.71 -15.37 16.37
CA LYS A 126 21.90 -16.47 15.88
C LYS A 126 20.43 -16.05 15.75
N LEU A 127 19.82 -16.41 14.64
CA LEU A 127 18.41 -16.08 14.43
C LEU A 127 17.54 -17.08 15.17
N VAL A 128 16.72 -16.60 16.11
CA VAL A 128 15.96 -17.49 16.98
C VAL A 128 14.46 -17.19 16.99
N GLY A 129 14.00 -16.20 16.24
CA GLY A 129 12.57 -15.93 16.20
C GLY A 129 12.24 -15.14 14.96
N PHE A 130 11.01 -15.28 14.49
CA PHE A 130 10.58 -14.57 13.28
C PHE A 130 9.06 -14.48 13.27
N ILE A 131 8.58 -13.41 12.67
CA ILE A 131 7.17 -13.26 12.29
C ILE A 131 7.16 -12.30 11.11
N SER A 132 6.16 -12.43 10.26
CA SER A 132 6.08 -11.61 9.05
C SER A 132 4.67 -11.08 8.85
N ALA A 133 4.60 -9.90 8.23
CA ALA A 133 3.37 -9.35 7.69
C ALA A 133 3.61 -9.00 6.22
N ILE A 134 2.60 -9.25 5.39
CA ILE A 134 2.56 -8.73 4.02
C ILE A 134 1.23 -8.02 3.84
N PRO A 135 1.17 -6.95 3.05
CA PRO A 135 -0.12 -6.29 2.84
C PRO A 135 -1.03 -7.13 1.97
N ALA A 136 -2.34 -7.05 2.22
CA ALA A 136 -3.33 -7.70 1.37
C ALA A 136 -4.65 -6.98 1.53
N ASN A 137 -5.36 -6.78 0.42
CA ASN A 137 -6.72 -6.28 0.48
C ASN A 137 -7.63 -7.49 0.63
N ILE A 138 -8.49 -7.44 1.64
CA ILE A 138 -9.30 -8.59 2.03
C ILE A 138 -10.76 -8.22 1.91
N HIS A 139 -11.54 -9.09 1.28
CA HIS A 139 -12.97 -8.92 1.20
C HIS A 139 -13.61 -9.84 2.24
N ILE A 140 -14.32 -9.25 3.20
CA ILE A 140 -14.96 -10.01 4.26
C ILE A 140 -16.43 -9.63 4.29
N TYR A 141 -17.29 -10.58 3.95
CA TYR A 141 -18.71 -10.35 3.70
C TYR A 141 -18.90 -9.14 2.80
N ASP A 142 -19.49 -8.05 3.32
CA ASP A 142 -19.78 -6.89 2.48
C ASP A 142 -18.75 -5.77 2.64
N THR A 143 -17.58 -6.06 3.18
CA THR A 143 -16.56 -5.04 3.42
C THR A 143 -15.25 -5.44 2.76
N GLU A 144 -14.61 -4.48 2.13
CA GLU A 144 -13.26 -4.63 1.62
C GLU A 144 -12.35 -3.77 2.48
N LYS A 145 -11.29 -4.37 3.03
CA LYS A 145 -10.40 -3.69 3.94
C LYS A 145 -8.95 -3.97 3.55
N LYS A 146 -8.13 -2.94 3.64
CA LYS A 146 -6.68 -3.14 3.60
C LYS A 146 -6.25 -3.80 4.91
N MET A 147 -5.59 -4.93 4.80
CA MET A 147 -5.18 -5.71 5.97
C MET A 147 -3.74 -6.11 5.79
N VAL A 148 -3.25 -6.89 6.73
CA VAL A 148 -2.04 -7.65 6.50
C VAL A 148 -2.35 -9.12 6.65
N GLU A 149 -1.54 -9.95 6.02
CA GLU A 149 -1.50 -11.38 6.28
C GLU A 149 -0.28 -11.67 7.13
N ILE A 150 -0.51 -12.34 8.26
CA ILE A 150 0.57 -12.72 9.17
C ILE A 150 0.96 -14.15 8.84
N ASN A 151 2.25 -14.42 8.78
CA ASN A 151 2.70 -15.76 8.47
C ASN A 151 4.07 -15.98 9.10
N PHE A 152 4.45 -17.25 9.18
CA PHE A 152 5.81 -17.64 9.57
C PHE A 152 6.16 -17.25 11.00
N LEU A 153 5.20 -17.28 11.92
CA LEU A 153 5.53 -17.10 13.32
C LEU A 153 6.33 -18.32 13.79
N CYS A 154 7.56 -18.09 14.23
CA CYS A 154 8.47 -19.18 14.58
C CYS A 154 9.34 -18.76 15.75
N VAL A 155 9.44 -19.63 16.75
CA VAL A 155 10.34 -19.43 17.89
C VAL A 155 11.26 -20.64 17.96
N HIS A 156 12.56 -20.40 18.04
CA HIS A 156 13.51 -21.49 18.18
C HIS A 156 13.09 -22.43 19.30
N LYS A 157 13.27 -23.74 19.09
CA LYS A 157 12.87 -24.73 20.09
C LYS A 157 13.46 -24.43 21.46
N LYS A 158 14.73 -24.01 21.51
CA LYS A 158 15.36 -23.74 22.80
C LYS A 158 14.81 -22.48 23.47
N LEU A 159 14.09 -21.65 22.74
CA LEU A 159 13.55 -20.39 23.25
C LEU A 159 12.08 -20.48 23.59
N ARG A 160 11.48 -21.67 23.47
CA ARG A 160 10.03 -21.80 23.59
C ARG A 160 9.57 -21.71 25.03
N SER A 161 8.26 -21.51 25.17
CA SER A 161 7.57 -21.40 26.45
C SER A 161 8.17 -20.32 27.34
N LYS A 162 8.92 -19.38 26.75
CA LYS A 162 9.44 -18.20 27.43
C LYS A 162 8.66 -16.94 27.05
N ARG A 163 7.44 -17.11 26.54
CA ARG A 163 6.57 -15.98 26.19
C ARG A 163 7.16 -15.12 25.08
N VAL A 164 7.94 -15.71 24.17
CA VAL A 164 8.49 -14.92 23.07
C VAL A 164 7.46 -14.72 21.97
N ALA A 165 6.60 -15.72 21.73
CA ALA A 165 5.58 -15.54 20.69
C ALA A 165 4.64 -14.39 20.97
N PRO A 166 4.16 -14.14 22.20
CA PRO A 166 3.34 -12.95 22.43
C PRO A 166 4.09 -11.66 22.14
N VAL A 167 5.40 -11.61 22.38
CA VAL A 167 6.18 -10.41 22.08
C VAL A 167 6.27 -10.22 20.58
N LEU A 168 6.51 -11.31 19.84
CA LEU A 168 6.53 -11.23 18.39
C LEU A 168 5.21 -10.73 17.85
N ILE A 169 4.11 -11.21 18.40
CA ILE A 169 2.80 -10.79 17.89
C ILE A 169 2.55 -9.32 18.20
N ARG A 170 2.87 -8.88 19.42
CA ARG A 170 2.68 -7.46 19.74
C ARG A 170 3.59 -6.59 18.90
N GLU A 171 4.83 -7.04 18.65
CA GLU A 171 5.74 -6.19 17.89
C GLU A 171 5.29 -6.07 16.45
N ILE A 172 4.85 -7.17 15.82
CA ILE A 172 4.40 -7.03 14.44
C ILE A 172 3.12 -6.20 14.40
N THR A 173 2.24 -6.38 15.39
CA THR A 173 1.04 -5.55 15.50
C THR A 173 1.41 -4.08 15.53
N ARG A 174 2.37 -3.71 16.37
CA ARG A 174 2.84 -2.34 16.48
C ARG A 174 3.34 -1.80 15.14
N ARG A 175 4.19 -2.59 14.46
CA ARG A 175 4.78 -2.13 13.21
C ARG A 175 3.76 -2.04 12.09
N VAL A 176 2.71 -2.84 12.15
CA VAL A 176 1.62 -2.74 11.18
C VAL A 176 0.75 -1.53 11.50
N HIS A 177 0.45 -1.30 12.80
CA HIS A 177 -0.26 -0.10 13.23
C HIS A 177 0.43 1.17 12.75
N LEU A 178 1.77 1.21 12.80
CA LEU A 178 2.49 2.41 12.38
C LEU A 178 2.22 2.75 10.93
N GLU A 179 1.84 1.77 10.12
CA GLU A 179 1.52 2.02 8.71
C GLU A 179 0.02 2.24 8.50
N GLY A 180 -0.74 2.43 9.56
CA GLY A 180 -2.14 2.76 9.43
C GLY A 180 -3.07 1.60 9.17
N ILE A 181 -2.64 0.36 9.42
CA ILE A 181 -3.45 -0.82 9.17
C ILE A 181 -3.84 -1.41 10.53
N PHE A 182 -5.12 -1.73 10.70
CA PHE A 182 -5.63 -2.17 11.99
C PHE A 182 -6.36 -3.50 11.94
N GLN A 183 -6.33 -4.19 10.82
CA GLN A 183 -6.89 -5.54 10.73
C GLN A 183 -5.88 -6.47 10.09
N ALA A 184 -6.01 -7.75 10.40
CA ALA A 184 -5.12 -8.76 9.84
C ALA A 184 -5.90 -10.05 9.64
N VAL A 185 -5.41 -10.86 8.71
CA VAL A 185 -5.94 -12.20 8.54
C VAL A 185 -4.78 -13.18 8.71
N TYR A 186 -5.07 -14.34 9.29
CA TYR A 186 -4.04 -15.36 9.51
C TYR A 186 -4.72 -16.70 9.73
N THR A 187 -3.93 -17.76 9.59
CA THR A 187 -4.38 -19.12 9.87
C THR A 187 -3.50 -19.75 10.95
N ALA A 188 -3.96 -20.87 11.48
CA ALA A 188 -3.21 -21.66 12.44
C ALA A 188 -3.75 -23.08 12.49
N GLY A 189 -2.85 -24.04 12.73
CA GLY A 189 -3.29 -25.38 13.05
C GLY A 189 -3.97 -25.49 14.40
N VAL A 190 -3.71 -24.57 15.30
CA VAL A 190 -4.27 -24.64 16.64
C VAL A 190 -5.55 -23.82 16.70
N VAL A 191 -6.38 -24.12 17.69
CA VAL A 191 -7.57 -23.32 17.95
C VAL A 191 -7.21 -22.17 18.88
N LEU A 192 -7.56 -20.96 18.47
CA LEU A 192 -7.35 -19.73 19.21
C LEU A 192 -8.65 -18.95 19.20
N PRO A 193 -8.78 -17.93 20.04
CA PRO A 193 -9.93 -17.02 19.89
C PRO A 193 -9.73 -16.14 18.67
N LYS A 194 -10.67 -16.18 17.72
CA LYS A 194 -11.74 -17.16 17.61
C LYS A 194 -11.90 -17.42 16.11
N PRO A 195 -11.92 -18.68 15.67
CA PRO A 195 -11.91 -18.94 14.22
C PRO A 195 -13.12 -18.33 13.54
N VAL A 196 -12.87 -17.64 12.43
CA VAL A 196 -13.96 -17.25 11.55
C VAL A 196 -14.34 -18.38 10.60
N GLY A 197 -13.45 -19.36 10.40
CA GLY A 197 -13.75 -20.50 9.56
C GLY A 197 -12.78 -21.61 9.88
N THR A 198 -13.23 -22.85 9.78
CA THR A 198 -12.41 -24.01 10.05
C THR A 198 -12.38 -24.86 8.78
N CYS A 199 -11.19 -25.03 8.21
CA CYS A 199 -11.01 -25.83 7.01
C CYS A 199 -10.19 -27.06 7.33
N ARG A 200 -10.47 -28.14 6.62
CA ARG A 200 -9.83 -29.42 6.83
C ARG A 200 -8.95 -29.76 5.65
N TYR A 201 -7.71 -30.16 5.92
CA TYR A 201 -6.84 -30.64 4.87
C TYR A 201 -7.22 -32.04 4.42
N TRP A 202 -7.17 -32.25 3.10
CA TRP A 202 -7.29 -33.54 2.44
C TRP A 202 -6.04 -33.80 1.61
N HIS A 203 -5.77 -35.08 1.35
CA HIS A 203 -4.52 -35.50 0.74
C HIS A 203 -4.79 -36.51 -0.36
N ARG A 204 -4.16 -36.32 -1.51
CA ARG A 204 -4.30 -37.24 -2.64
C ARG A 204 -2.93 -37.85 -2.90
N SER A 205 -2.78 -39.14 -2.59
CA SER A 205 -1.50 -39.82 -2.81
C SER A 205 -1.13 -39.80 -4.28
N LEU A 206 0.12 -39.45 -4.57
CA LEU A 206 0.67 -39.58 -5.91
C LEU A 206 1.75 -40.65 -6.00
N ASN A 207 2.56 -40.78 -4.95
CA ASN A 207 3.62 -41.79 -4.84
CA ASN A 207 3.59 -41.81 -4.86
C ASN A 207 3.32 -42.64 -3.61
N PRO A 208 2.28 -43.48 -3.66
CA PRO A 208 1.83 -44.15 -2.42
C PRO A 208 2.89 -45.02 -1.77
N ARG A 209 3.75 -45.67 -2.56
CA ARG A 209 4.79 -46.50 -1.98
C ARG A 209 5.66 -45.68 -1.02
N LYS A 210 6.14 -44.53 -1.49
CA LYS A 210 6.97 -43.68 -0.63
C LYS A 210 6.18 -43.16 0.57
N LEU A 211 4.92 -42.75 0.36
CA LEU A 211 4.15 -42.19 1.46
C LEU A 211 3.96 -43.23 2.57
N ILE A 212 3.70 -44.49 2.19
CA ILE A 212 3.51 -45.55 3.17
C ILE A 212 4.83 -45.90 3.84
N GLU A 213 5.92 -45.95 3.06
CA GLU A 213 7.23 -46.29 3.64
C GLU A 213 7.66 -45.27 4.69
N VAL A 214 7.39 -43.99 4.47
CA VAL A 214 7.75 -42.97 5.45
C VAL A 214 6.67 -42.75 6.48
N LYS A 215 5.58 -43.51 6.44
CA LYS A 215 4.50 -43.43 7.42
C LYS A 215 3.80 -42.07 7.36
N PHE A 216 3.82 -41.44 6.19
CA PHE A 216 2.91 -40.32 5.95
C PHE A 216 1.49 -40.82 5.78
N SER A 217 1.32 -41.90 5.04
CA SER A 217 0.04 -42.58 4.98
C SER A 217 0.24 -44.02 5.44
N HIS A 218 -0.88 -44.71 5.62
N HIS A 218 -0.88 -44.71 5.64
CA HIS A 218 -0.90 -46.11 6.00
CA HIS A 218 -0.86 -46.12 5.97
C HIS A 218 -1.81 -46.86 5.04
C HIS A 218 -1.80 -46.87 5.05
N LEU A 219 -1.57 -48.16 4.91
CA LEU A 219 -2.44 -49.01 4.10
C LEU A 219 -3.85 -49.01 4.67
N SER A 220 -4.84 -48.80 3.81
CA SER A 220 -6.24 -48.72 4.22
C SER A 220 -6.72 -50.01 4.88
N ARG A 221 -7.98 -50.04 5.31
CA ARG A 221 -8.45 -51.07 6.24
C ARG A 221 -8.23 -52.48 5.70
N ASN A 222 -8.49 -52.70 4.42
CA ASN A 222 -8.43 -54.03 3.84
C ASN A 222 -7.80 -53.97 2.44
N MET A 223 -6.57 -53.46 2.36
CA MET A 223 -5.94 -53.20 1.08
C MET A 223 -4.47 -53.59 1.09
N THR A 224 -4.02 -54.15 -0.03
CA THR A 224 -2.61 -54.45 -0.24
C THR A 224 -1.90 -53.26 -0.87
N MET A 225 -0.57 -53.30 -0.80
CA MET A 225 0.24 -52.30 -1.50
C MET A 225 -0.07 -52.30 -2.98
N GLN A 226 -0.06 -53.48 -3.60
CA GLN A 226 -0.32 -53.57 -5.05
C GLN A 226 -1.66 -52.95 -5.40
N ARG A 227 -2.69 -53.23 -4.62
CA ARG A 227 -3.99 -52.60 -4.81
C ARG A 227 -3.90 -51.09 -4.64
N THR A 228 -3.14 -50.64 -3.63
CA THR A 228 -3.04 -49.19 -3.39
C THR A 228 -2.37 -48.48 -4.58
N MET A 229 -1.33 -49.10 -5.14
N MET A 229 -1.35 -49.09 -5.16
CA MET A 229 -0.69 -48.53 -6.33
CA MET A 229 -0.71 -48.50 -6.32
C MET A 229 -1.70 -48.38 -7.46
C MET A 229 -1.66 -48.39 -7.50
N LYS A 230 -2.48 -49.43 -7.72
CA LYS A 230 -3.44 -49.39 -8.82
C LYS A 230 -4.53 -48.38 -8.56
N LEU A 231 -4.97 -48.28 -7.31
CA LEU A 231 -6.03 -47.34 -6.96
C LEU A 231 -5.62 -45.91 -7.30
N TYR A 232 -4.37 -45.56 -7.06
CA TYR A 232 -3.92 -44.18 -7.20
C TYR A 232 -3.25 -43.89 -8.53
N ARG A 233 -3.17 -44.87 -9.44
CA ARG A 233 -2.54 -44.66 -10.73
C ARG A 233 -3.25 -43.55 -11.50
N LEU A 234 -2.48 -42.76 -12.22
CA LEU A 234 -2.99 -41.62 -12.95
C LEU A 234 -2.63 -41.73 -14.43
N PRO A 235 -3.38 -41.05 -15.31
CA PRO A 235 -2.93 -40.91 -16.70
C PRO A 235 -1.55 -40.26 -16.77
N GLU A 236 -0.89 -40.46 -17.93
CA GLU A 236 0.40 -39.85 -18.16
C GLU A 236 0.29 -38.39 -18.59
N THR A 237 -0.77 -38.03 -19.30
CA THR A 237 -0.98 -36.67 -19.78
C THR A 237 -2.35 -36.18 -19.34
N PRO A 238 -2.47 -34.87 -19.08
CA PRO A 238 -3.78 -34.31 -18.77
C PRO A 238 -4.72 -34.43 -19.96
N LYS A 239 -6.01 -34.33 -19.69
CA LYS A 239 -7.00 -34.53 -20.74
C LYS A 239 -7.64 -33.24 -21.26
N THR A 240 -7.56 -32.13 -20.53
CA THR A 240 -8.29 -30.94 -20.95
C THR A 240 -7.65 -30.31 -22.18
N ALA A 241 -8.48 -30.09 -23.20
CA ALA A 241 -8.09 -29.39 -24.41
C ALA A 241 -7.43 -28.06 -24.11
N GLY A 242 -6.22 -27.87 -24.64
CA GLY A 242 -5.64 -26.55 -24.60
C GLY A 242 -5.10 -26.11 -23.26
N LEU A 243 -4.88 -27.06 -22.35
CA LEU A 243 -4.19 -26.77 -21.11
C LEU A 243 -2.70 -26.50 -21.38
N ARG A 244 -2.18 -25.43 -20.80
CA ARG A 244 -0.79 -25.03 -21.00
C ARG A 244 -0.37 -24.14 -19.83
N PRO A 245 0.94 -23.98 -19.59
CA PRO A 245 1.37 -23.10 -18.51
C PRO A 245 0.98 -21.65 -18.78
N MET A 246 0.71 -20.94 -17.69
CA MET A 246 0.42 -19.52 -17.75
C MET A 246 1.63 -18.75 -18.27
N GLU A 247 1.37 -17.78 -19.14
CA GLU A 247 2.37 -16.89 -19.69
C GLU A 247 2.04 -15.45 -19.32
N THR A 248 2.99 -14.56 -19.59
CA THR A 248 2.80 -13.15 -19.31
C THR A 248 1.53 -12.61 -19.98
N LYS A 249 1.26 -13.03 -21.22
CA LYS A 249 0.08 -12.52 -21.91
C LYS A 249 -1.22 -12.90 -21.21
N ASP A 250 -1.19 -13.88 -20.31
CA ASP A 250 -2.40 -14.32 -19.60
C ASP A 250 -2.66 -13.55 -18.31
N ILE A 251 -1.74 -12.71 -17.86
CA ILE A 251 -1.92 -12.05 -16.56
C ILE A 251 -3.27 -11.33 -16.48
N PRO A 252 -3.69 -10.52 -17.47
CA PRO A 252 -4.99 -9.85 -17.35
C PRO A 252 -6.17 -10.79 -17.26
N VAL A 253 -6.24 -11.82 -18.11
CA VAL A 253 -7.43 -12.65 -18.06
C VAL A 253 -7.44 -13.50 -16.79
N VAL A 254 -6.27 -13.90 -16.29
CA VAL A 254 -6.26 -14.65 -15.04
C VAL A 254 -6.78 -13.77 -13.90
N HIS A 255 -6.35 -12.50 -13.88
CA HIS A 255 -6.90 -11.55 -12.92
C HIS A 255 -8.41 -11.41 -13.09
N GLN A 256 -8.89 -11.31 -14.33
CA GLN A 256 -10.33 -11.17 -14.56
C GLN A 256 -11.08 -12.41 -14.06
N LEU A 257 -10.65 -13.59 -14.49
CA LEU A 257 -11.31 -14.82 -14.05
C LEU A 257 -11.32 -14.95 -12.54
N LEU A 258 -10.18 -14.68 -11.90
CA LEU A 258 -10.10 -14.83 -10.44
C LEU A 258 -11.05 -13.87 -9.73
N THR A 259 -11.03 -12.60 -10.12
CA THR A 259 -11.87 -11.60 -9.47
C THR A 259 -13.34 -12.00 -9.52
N ARG A 260 -13.82 -12.40 -10.70
CA ARG A 260 -15.23 -12.75 -10.85
C ARG A 260 -15.54 -14.03 -10.09
N TYR A 261 -14.66 -15.01 -10.14
CA TYR A 261 -14.90 -16.28 -9.45
C TYR A 261 -14.98 -16.09 -7.94
N LEU A 262 -14.11 -15.25 -7.38
CA LEU A 262 -14.06 -15.14 -5.92
C LEU A 262 -15.27 -14.44 -5.32
N LYS A 263 -16.10 -13.79 -6.14
CA LYS A 263 -17.22 -13.03 -5.59
C LYS A 263 -18.23 -13.91 -4.86
N GLN A 264 -18.27 -15.20 -5.15
CA GLN A 264 -19.24 -16.09 -4.51
C GLN A 264 -18.87 -16.47 -3.08
N PHE A 265 -17.65 -16.16 -2.62
CA PHE A 265 -17.22 -16.53 -1.27
C PHE A 265 -17.22 -15.32 -0.35
N HIS A 266 -17.11 -15.59 0.95
CA HIS A 266 -17.28 -14.56 1.97
C HIS A 266 -15.98 -14.03 2.55
N LEU A 267 -14.87 -14.74 2.37
CA LEU A 267 -13.56 -14.27 2.78
C LEU A 267 -12.60 -14.54 1.62
N THR A 268 -12.15 -13.47 0.95
CA THR A 268 -11.34 -13.62 -0.25
C THR A 268 -10.29 -12.52 -0.31
N PRO A 269 -9.21 -12.74 -1.05
CA PRO A 269 -8.32 -11.63 -1.39
C PRO A 269 -8.91 -10.81 -2.52
N VAL A 270 -8.47 -9.56 -2.59
CA VAL A 270 -8.76 -8.65 -3.70
C VAL A 270 -7.40 -8.27 -4.28
N MET A 271 -7.04 -8.87 -5.41
CA MET A 271 -5.70 -8.72 -5.96
C MET A 271 -5.71 -7.72 -7.10
N SER A 272 -4.71 -6.84 -7.10
CA SER A 272 -4.43 -6.06 -8.31
C SER A 272 -3.88 -6.98 -9.40
N GLN A 273 -3.72 -6.42 -10.58
CA GLN A 273 -3.13 -7.20 -11.67
C GLN A 273 -1.67 -7.52 -11.38
N GLU A 274 -0.97 -6.62 -10.67
CA GLU A 274 0.42 -6.88 -10.26
C GLU A 274 0.49 -7.99 -9.24
N GLU A 275 -0.45 -8.03 -8.30
CA GLU A 275 -0.49 -9.12 -7.34
C GLU A 275 -0.81 -10.44 -8.03
N VAL A 276 -1.66 -10.41 -9.06
CA VAL A 276 -1.95 -11.64 -9.79
C VAL A 276 -0.69 -12.15 -10.48
N GLU A 277 0.05 -11.24 -11.12
CA GLU A 277 1.34 -11.63 -11.68
C GLU A 277 2.21 -12.28 -10.62
N HIS A 278 2.35 -11.63 -9.47
CA HIS A 278 3.25 -12.18 -8.44
C HIS A 278 2.80 -13.56 -8.00
N TRP A 279 1.53 -13.71 -7.68
CA TRP A 279 1.08 -14.92 -7.04
C TRP A 279 0.90 -16.08 -8.02
N PHE A 280 0.74 -15.83 -9.32
CA PHE A 280 0.42 -16.90 -10.24
C PHE A 280 1.42 -17.15 -11.35
N TYR A 281 2.20 -16.16 -11.74
CA TYR A 281 3.16 -16.38 -12.81
C TYR A 281 4.10 -17.52 -12.42
N PRO A 282 4.24 -18.56 -13.23
CA PRO A 282 4.90 -19.77 -12.76
C PRO A 282 6.37 -19.52 -12.42
N GLN A 283 6.81 -20.13 -11.32
CA GLN A 283 8.19 -20.18 -10.92
C GLN A 283 8.50 -21.61 -10.52
N GLU A 284 9.50 -22.21 -11.15
CA GLU A 284 9.75 -23.63 -10.94
C GLU A 284 10.02 -23.91 -9.47
N ASN A 285 9.36 -24.94 -8.95
CA ASN A 285 9.50 -25.40 -7.57
C ASN A 285 8.94 -24.39 -6.58
N ILE A 286 8.07 -23.49 -7.04
CA ILE A 286 7.41 -22.56 -6.14
C ILE A 286 5.93 -22.52 -6.43
N ILE A 287 5.56 -22.09 -7.62
CA ILE A 287 4.17 -21.89 -7.98
C ILE A 287 3.98 -22.33 -9.42
N ASP A 288 2.95 -23.12 -9.65
CA ASP A 288 2.58 -23.61 -10.97
C ASP A 288 1.17 -23.14 -11.26
N THR A 289 0.96 -22.56 -12.44
CA THR A 289 -0.35 -22.15 -12.90
C THR A 289 -0.48 -22.60 -14.36
N PHE A 290 -1.57 -23.28 -14.67
CA PHE A 290 -1.88 -23.73 -16.02
C PHE A 290 -3.22 -23.16 -16.40
N VAL A 291 -3.32 -22.60 -17.61
CA VAL A 291 -4.57 -22.03 -18.11
C VAL A 291 -5.14 -22.95 -19.18
N VAL A 292 -6.45 -22.87 -19.37
CA VAL A 292 -7.13 -23.53 -20.49
C VAL A 292 -7.39 -22.48 -21.56
N GLU A 293 -6.72 -22.61 -22.69
CA GLU A 293 -6.93 -21.73 -23.85
C GLU A 293 -7.74 -22.51 -24.88
N ASN A 294 -8.98 -22.08 -25.13
CA ASN A 294 -9.91 -22.89 -25.90
C ASN A 294 -9.64 -22.74 -27.41
N ALA A 295 -10.54 -23.31 -28.22
CA ALA A 295 -10.39 -23.31 -29.67
C ALA A 295 -10.54 -21.93 -30.30
N ASN A 296 -11.07 -20.95 -29.56
CA ASN A 296 -11.16 -19.56 -30.01
C ASN A 296 -9.99 -18.72 -29.52
N GLY A 297 -9.04 -19.32 -28.80
CA GLY A 297 -7.94 -18.57 -28.25
C GLY A 297 -8.22 -17.89 -26.93
N GLU A 298 -9.36 -18.17 -26.30
CA GLU A 298 -9.77 -17.54 -25.06
C GLU A 298 -9.35 -18.39 -23.87
N VAL A 299 -8.81 -17.74 -22.85
CA VAL A 299 -8.53 -18.43 -21.59
C VAL A 299 -9.81 -18.45 -20.77
N THR A 300 -10.28 -19.65 -20.44
CA THR A 300 -11.55 -19.81 -19.76
C THR A 300 -11.45 -20.41 -18.37
N ASP A 301 -10.30 -20.98 -18.01
CA ASP A 301 -10.13 -21.66 -16.73
C ASP A 301 -8.66 -21.58 -16.37
N PHE A 302 -8.35 -21.78 -15.08
CA PHE A 302 -6.97 -22.00 -14.72
C PHE A 302 -6.91 -22.79 -13.43
N LEU A 303 -5.80 -23.51 -13.26
CA LEU A 303 -5.51 -24.22 -12.03
C LEU A 303 -4.14 -23.77 -11.55
N SER A 304 -3.92 -23.83 -10.23
CA SER A 304 -2.61 -23.49 -9.69
C SER A 304 -2.36 -24.27 -8.39
N PHE A 305 -1.08 -24.52 -8.13
CA PHE A 305 -0.70 -25.17 -6.88
C PHE A 305 0.72 -24.74 -6.53
N TYR A 306 1.00 -24.59 -5.24
CA TYR A 306 2.36 -24.22 -4.84
C TYR A 306 3.12 -25.39 -4.26
N THR A 307 4.45 -25.27 -4.28
CA THR A 307 5.37 -26.34 -3.91
C THR A 307 5.82 -26.11 -2.47
N LEU A 308 5.55 -27.06 -1.60
CA LEU A 308 5.93 -26.93 -0.19
C LEU A 308 6.36 -28.31 0.29
N PRO A 309 7.64 -28.62 0.18
CA PRO A 309 8.13 -29.92 0.65
C PRO A 309 8.23 -29.92 2.17
N SER A 310 8.46 -31.11 2.70
CA SER A 310 8.63 -31.27 4.14
C SER A 310 9.84 -32.16 4.39
N THR A 311 10.45 -31.94 5.54
CA THR A 311 11.53 -32.78 6.01
C THR A 311 10.94 -34.01 6.70
N ILE A 312 11.50 -35.17 6.41
CA ILE A 312 11.12 -36.39 7.13
C ILE A 312 12.15 -36.60 8.23
N MET A 313 11.76 -36.35 9.47
CA MET A 313 12.70 -36.30 10.57
C MET A 313 13.11 -37.70 11.01
N ASN A 314 14.40 -37.87 11.29
CA ASN A 314 14.93 -39.10 11.87
C ASN A 314 14.73 -40.30 10.97
N HIS A 315 14.77 -40.13 9.64
CA HIS A 315 14.58 -41.26 8.76
C HIS A 315 15.86 -41.54 7.99
N PRO A 316 16.37 -42.78 8.01
CA PRO A 316 17.67 -43.03 7.38
C PRO A 316 17.68 -42.94 5.86
N THR A 317 16.59 -43.27 5.17
CA THR A 317 16.64 -43.36 3.72
C THR A 317 15.90 -42.22 3.03
N HIS A 318 14.64 -41.97 3.38
CA HIS A 318 13.87 -40.90 2.75
C HIS A 318 13.97 -39.66 3.62
N LYS A 319 14.43 -38.56 3.03
CA LYS A 319 14.69 -37.35 3.79
C LYS A 319 13.65 -36.26 3.58
N SER A 320 12.88 -36.33 2.51
CA SER A 320 11.96 -35.25 2.16
C SER A 320 10.74 -35.81 1.45
N LEU A 321 9.59 -35.17 1.69
CA LEU A 321 8.36 -35.39 0.94
C LEU A 321 8.07 -34.15 0.12
N LYS A 322 7.84 -34.33 -1.18
CA LYS A 322 7.51 -33.20 -2.06
C LYS A 322 5.99 -33.09 -2.16
N ALA A 323 5.44 -32.00 -1.64
CA ALA A 323 3.99 -31.85 -1.58
C ALA A 323 3.56 -30.65 -2.42
N ALA A 324 2.50 -30.82 -3.19
CA ALA A 324 1.84 -29.73 -3.89
C ALA A 324 0.60 -29.33 -3.11
N TYR A 325 0.37 -28.01 -3.00
CA TYR A 325 -0.76 -27.45 -2.28
C TYR A 325 -1.67 -26.73 -3.26
N SER A 326 -2.93 -27.18 -3.36
CA SER A 326 -3.92 -26.50 -4.18
C SER A 326 -3.98 -25.03 -3.82
N PHE A 327 -3.98 -24.17 -4.85
CA PHE A 327 -3.88 -22.74 -4.62
C PHE A 327 -5.23 -22.13 -4.98
N TYR A 328 -5.37 -21.50 -6.14
CA TYR A 328 -6.69 -21.09 -6.60
C TYR A 328 -6.99 -21.79 -7.92
N ASN A 329 -8.21 -22.29 -8.03
CA ASN A 329 -8.66 -23.01 -9.22
C ASN A 329 -9.95 -22.38 -9.68
N VAL A 330 -9.95 -21.87 -10.91
CA VAL A 330 -11.08 -21.11 -11.43
C VAL A 330 -11.59 -21.83 -12.66
N HIS A 331 -12.87 -22.18 -12.65
CA HIS A 331 -13.49 -22.84 -13.79
C HIS A 331 -14.65 -21.98 -14.28
N THR A 332 -14.72 -21.78 -15.60
CA THR A 332 -15.91 -21.23 -16.23
C THR A 332 -16.41 -22.04 -17.42
N GLN A 333 -15.59 -22.92 -17.99
CA GLN A 333 -16.02 -23.75 -19.12
C GLN A 333 -15.62 -25.21 -18.89
N THR A 334 -14.51 -25.42 -18.22
CA THR A 334 -14.05 -26.77 -17.91
C THR A 334 -14.59 -27.18 -16.55
N PRO A 335 -15.15 -28.37 -16.40
CA PRO A 335 -15.64 -28.80 -15.09
C PRO A 335 -14.50 -28.80 -14.09
N LEU A 336 -14.80 -28.39 -12.86
CA LEU A 336 -13.78 -28.33 -11.83
C LEU A 336 -13.16 -29.70 -11.60
N LEU A 337 -13.96 -30.76 -11.73
CA LEU A 337 -13.45 -32.12 -11.52
C LEU A 337 -12.37 -32.47 -12.54
N ASP A 338 -12.58 -32.08 -13.81
CA ASP A 338 -11.58 -32.31 -14.84
C ASP A 338 -10.34 -31.46 -14.61
N LEU A 339 -10.54 -30.20 -14.23
CA LEU A 339 -9.42 -29.33 -13.91
C LEU A 339 -8.56 -29.93 -12.81
N MET A 340 -9.20 -30.38 -11.72
CA MET A 340 -8.41 -30.93 -10.63
C MET A 340 -7.78 -32.26 -11.01
N SER A 341 -8.46 -33.04 -11.86
N SER A 341 -8.47 -33.04 -11.85
CA SER A 341 -7.84 -34.25 -12.36
CA SER A 341 -7.87 -34.26 -12.40
C SER A 341 -6.55 -33.95 -13.11
C SER A 341 -6.56 -33.95 -13.11
N ASP A 342 -6.58 -32.94 -13.98
CA ASP A 342 -5.36 -32.55 -14.68
C ASP A 342 -4.33 -31.98 -13.70
N ALA A 343 -4.77 -31.30 -12.65
CA ALA A 343 -3.83 -30.85 -11.63
C ALA A 343 -3.08 -32.03 -11.02
N LEU A 344 -3.79 -33.12 -10.70
CA LEU A 344 -3.12 -34.29 -10.14
C LEU A 344 -2.10 -34.87 -11.11
N VAL A 345 -2.48 -34.99 -12.40
CA VAL A 345 -1.58 -35.52 -13.41
C VAL A 345 -0.33 -34.64 -13.52
N LEU A 346 -0.52 -33.33 -13.54
CA LEU A 346 0.62 -32.43 -13.67
C LEU A 346 1.54 -32.53 -12.45
N ALA A 347 0.95 -32.56 -11.25
CA ALA A 347 1.76 -32.73 -10.05
C ALA A 347 2.53 -34.04 -10.09
N LYS A 348 1.87 -35.12 -10.48
CA LYS A 348 2.57 -36.40 -10.58
C LYS A 348 3.71 -36.30 -11.57
N MET A 349 3.45 -35.71 -12.74
CA MET A 349 4.49 -35.51 -13.75
C MET A 349 5.67 -34.74 -13.19
N LYS A 350 5.41 -33.77 -12.32
CA LYS A 350 6.46 -32.90 -11.79
C LYS A 350 7.18 -33.50 -10.59
N GLY A 351 6.90 -34.74 -10.24
CA GLY A 351 7.63 -35.40 -9.18
C GLY A 351 7.08 -35.24 -7.78
N PHE A 352 5.86 -34.75 -7.64
CA PHE A 352 5.29 -34.60 -6.31
C PHE A 352 4.87 -35.95 -5.74
N ASP A 353 4.99 -36.09 -4.42
CA ASP A 353 4.59 -37.33 -3.75
C ASP A 353 3.13 -37.32 -3.32
N VAL A 354 2.59 -36.13 -3.02
CA VAL A 354 1.22 -36.00 -2.57
C VAL A 354 0.70 -34.66 -3.05
N PHE A 355 -0.62 -34.57 -3.22
CA PHE A 355 -1.31 -33.33 -3.60
C PHE A 355 -2.30 -33.01 -2.49
N ASN A 356 -2.11 -31.87 -1.83
CA ASN A 356 -2.95 -31.47 -0.71
C ASN A 356 -3.92 -30.39 -1.15
N ALA A 357 -5.10 -30.42 -0.55
CA ALA A 357 -6.10 -29.39 -0.80
C ALA A 357 -7.01 -29.29 0.42
N LEU A 358 -7.47 -28.07 0.68
CA LEU A 358 -8.40 -27.83 1.77
C LEU A 358 -9.82 -28.08 1.31
N ASP A 359 -10.75 -28.16 2.25
CA ASP A 359 -12.15 -28.33 1.90
C ASP A 359 -12.87 -27.00 1.70
N LEU A 360 -12.14 -25.92 1.42
CA LEU A 360 -12.74 -24.62 1.21
C LEU A 360 -13.18 -24.47 -0.24
N MET A 361 -13.69 -23.27 -0.56
CA MET A 361 -14.33 -22.97 -1.83
C MET A 361 -15.20 -24.14 -2.26
N GLU A 362 -15.10 -24.60 -3.51
CA GLU A 362 -15.92 -25.72 -3.97
C GLU A 362 -15.16 -27.04 -3.93
N ASN A 363 -14.12 -27.14 -3.11
CA ASN A 363 -13.25 -28.29 -3.19
C ASN A 363 -13.96 -29.58 -2.78
N LYS A 364 -14.96 -29.48 -1.91
CA LYS A 364 -15.67 -30.69 -1.50
C LYS A 364 -16.36 -31.38 -2.67
N THR A 365 -16.64 -30.64 -3.75
CA THR A 365 -17.26 -31.28 -4.92
C THR A 365 -16.34 -32.24 -5.64
N PHE A 366 -15.04 -32.24 -5.36
CA PHE A 366 -14.15 -33.16 -6.04
C PHE A 366 -13.26 -33.99 -5.13
N LEU A 367 -13.15 -33.66 -3.84
CA LEU A 367 -12.17 -34.33 -2.99
C LEU A 367 -12.37 -35.84 -3.00
N GLU A 368 -13.57 -36.29 -2.67
CA GLU A 368 -13.79 -37.74 -2.57
C GLU A 368 -13.70 -38.40 -3.94
N LYS A 369 -14.31 -37.79 -4.97
CA LYS A 369 -14.30 -38.39 -6.30
C LYS A 369 -12.87 -38.60 -6.81
N LEU A 370 -11.97 -37.66 -6.53
CA LEU A 370 -10.59 -37.81 -7.01
C LEU A 370 -9.72 -38.58 -6.02
N LYS A 371 -10.32 -39.26 -5.05
CA LYS A 371 -9.63 -40.17 -4.14
C LYS A 371 -8.72 -39.45 -3.16
N PHE A 372 -9.07 -38.22 -2.78
CA PHE A 372 -8.44 -37.60 -1.62
C PHE A 372 -8.91 -38.29 -0.35
N GLY A 373 -8.01 -38.38 0.63
CA GLY A 373 -8.35 -38.88 1.96
C GLY A 373 -8.27 -37.75 2.96
N ILE A 374 -9.19 -37.74 3.91
CA ILE A 374 -9.24 -36.67 4.90
C ILE A 374 -7.99 -36.70 5.76
N GLY A 375 -7.52 -35.51 6.17
CA GLY A 375 -6.30 -35.38 6.95
C GLY A 375 -6.60 -35.23 8.44
N ASP A 376 -5.54 -35.28 9.23
CA ASP A 376 -5.68 -35.10 10.66
C ASP A 376 -5.53 -33.64 11.08
N GLY A 377 -5.37 -32.73 10.13
CA GLY A 377 -5.10 -31.34 10.43
C GLY A 377 -6.22 -30.42 9.96
N ASN A 378 -6.74 -29.63 10.90
CA ASN A 378 -7.61 -28.52 10.58
C ASN A 378 -6.77 -27.27 10.37
N LEU A 379 -7.17 -26.44 9.42
CA LEU A 379 -6.62 -25.09 9.27
C LEU A 379 -7.71 -24.12 9.69
N GLN A 380 -7.49 -23.44 10.83
CA GLN A 380 -8.39 -22.42 11.30
C GLN A 380 -8.06 -21.10 10.61
N TYR A 381 -9.09 -20.32 10.28
CA TYR A 381 -8.91 -18.98 9.73
C TYR A 381 -9.35 -17.97 10.76
N TYR A 382 -8.57 -16.89 10.87
CA TYR A 382 -8.79 -15.87 11.90
C TYR A 382 -8.65 -14.48 11.30
N LEU A 383 -9.36 -13.55 11.91
CA LEU A 383 -9.19 -12.12 11.65
C LEU A 383 -8.85 -11.41 12.96
N TYR A 384 -7.95 -10.45 12.88
CA TYR A 384 -7.58 -9.64 14.04
C TYR A 384 -8.36 -8.33 13.97
N ASN A 385 -9.04 -8.00 15.05
CA ASN A 385 -9.77 -6.74 15.17
C ASN A 385 -10.88 -6.63 14.12
N TRP A 386 -11.58 -7.73 13.87
CA TRP A 386 -12.77 -7.67 13.02
C TRP A 386 -13.79 -8.71 13.48
N LYS A 387 -14.96 -8.22 13.89
N LYS A 387 -14.96 -8.24 13.90
CA LYS A 387 -16.10 -9.08 14.23
CA LYS A 387 -16.07 -9.13 14.23
C LYS A 387 -16.89 -9.42 12.97
C LYS A 387 -16.88 -9.43 13.00
N CYS A 388 -17.26 -10.69 12.84
CA CYS A 388 -18.18 -11.11 11.78
C CYS A 388 -18.63 -12.52 12.08
N PRO A 389 -19.79 -12.94 11.57
CA PRO A 389 -20.23 -14.32 11.80
C PRO A 389 -19.27 -15.32 11.17
N SER A 390 -19.10 -16.46 11.82
CA SER A 390 -18.28 -17.50 11.23
C SER A 390 -18.98 -18.07 10.01
N MET A 391 -18.20 -18.76 9.17
CA MET A 391 -18.70 -19.25 7.90
C MET A 391 -18.25 -20.69 7.71
N GLY A 392 -19.00 -21.40 6.87
CA GLY A 392 -18.60 -22.74 6.52
C GLY A 392 -17.35 -22.73 5.64
N ALA A 393 -16.65 -23.86 5.63
CA ALA A 393 -15.44 -23.95 4.83
C ALA A 393 -15.69 -23.59 3.37
N GLU A 394 -16.86 -23.95 2.84
CA GLU A 394 -17.13 -23.70 1.43
C GLU A 394 -17.32 -22.21 1.10
N LYS A 395 -17.43 -21.34 2.11
CA LYS A 395 -17.44 -19.91 1.89
C LYS A 395 -16.08 -19.26 2.10
N VAL A 396 -15.10 -20.01 2.58
CA VAL A 396 -13.73 -19.48 2.67
C VAL A 396 -13.12 -19.54 1.28
N GLY A 397 -12.65 -18.39 0.80
CA GLY A 397 -12.12 -18.27 -0.54
C GLY A 397 -10.76 -17.60 -0.51
N LEU A 398 -9.93 -18.00 0.46
CA LEU A 398 -8.62 -17.42 0.67
C LEU A 398 -7.64 -18.52 0.99
N VAL A 399 -6.52 -18.57 0.28
CA VAL A 399 -5.48 -19.57 0.50
C VAL A 399 -4.18 -18.85 0.77
N LEU A 400 -3.51 -19.21 1.87
CA LEU A 400 -2.22 -18.66 2.23
C LEU A 400 -1.13 -19.72 2.02
N GLN A 401 0.11 -19.32 2.25
CA GLN A 401 1.25 -20.24 2.03
C GLN A 401 1.66 -20.91 3.33
N GLY B 9 -5.11 26.09 -25.61
CA GLY B 9 -4.95 27.24 -24.74
C GLY B 9 -5.61 27.06 -23.38
N PRO B 10 -4.80 27.04 -22.32
CA PRO B 10 -5.33 26.75 -20.98
C PRO B 10 -6.20 27.88 -20.47
N ALA B 11 -7.22 27.50 -19.70
CA ALA B 11 -8.19 28.43 -19.14
C ALA B 11 -7.91 28.62 -17.65
N LYS B 12 -7.74 29.88 -17.23
CA LYS B 12 -7.46 30.19 -15.83
C LYS B 12 -8.73 30.49 -15.03
N THR B 13 -9.77 31.00 -15.68
CA THR B 13 -11.07 31.22 -15.06
C THR B 13 -12.08 30.29 -15.69
N MET B 14 -13.24 30.16 -15.05
CA MET B 14 -14.25 29.28 -15.62
C MET B 14 -15.18 29.97 -16.61
N GLU B 15 -15.19 31.31 -16.63
CA GLU B 15 -15.82 32.01 -17.75
C GLU B 15 -15.11 31.68 -19.06
N GLU B 16 -13.78 31.59 -19.01
CA GLU B 16 -13.02 31.12 -20.17
C GLU B 16 -13.20 29.63 -20.38
N ALA B 17 -13.36 28.86 -19.30
CA ALA B 17 -13.45 27.42 -19.42
C ALA B 17 -14.76 26.98 -20.07
N SER B 18 -15.84 27.76 -19.89
CA SER B 18 -17.09 27.45 -20.57
C SER B 18 -16.95 27.57 -22.07
N LYS B 19 -16.10 28.50 -22.54
CA LYS B 19 -15.97 28.80 -23.96
C LYS B 19 -14.93 27.93 -24.67
N ARG B 20 -14.71 26.70 -24.18
CA ARG B 20 -13.78 25.80 -24.83
C ARG B 20 -14.22 24.36 -24.65
N SER B 21 -13.76 23.50 -25.54
CA SER B 21 -14.01 22.07 -25.48
C SER B 21 -12.75 21.34 -25.02
N TYR B 22 -12.95 20.22 -24.34
CA TYR B 22 -11.86 19.47 -23.75
C TYR B 22 -11.76 18.11 -24.46
N GLN B 23 -11.04 18.11 -25.59
CA GLN B 23 -10.88 16.91 -26.41
C GLN B 23 -10.45 15.71 -25.57
N PHE B 24 -9.49 15.91 -24.66
CA PHE B 24 -9.00 14.79 -23.88
C PHE B 24 -9.89 14.52 -22.66
N TRP B 25 -10.18 15.55 -21.85
CA TRP B 25 -10.88 15.29 -20.60
C TRP B 25 -12.30 14.77 -20.82
N ASP B 26 -12.92 15.08 -21.98
CA ASP B 26 -14.22 14.52 -22.30
C ASP B 26 -14.19 12.99 -22.37
N THR B 27 -13.05 12.40 -22.68
CA THR B 27 -12.94 10.96 -22.76
C THR B 27 -12.67 10.31 -21.40
N GLN B 28 -12.47 11.12 -20.30
CA GLN B 28 -12.03 10.59 -19.02
C GLN B 28 -13.18 10.44 -18.04
N PRO B 29 -13.03 9.61 -17.00
CA PRO B 29 -14.11 9.44 -16.02
C PRO B 29 -14.08 10.56 -14.98
N VAL B 30 -14.40 11.75 -15.45
CA VAL B 30 -14.51 12.95 -14.61
C VAL B 30 -15.83 13.64 -14.96
N PRO B 31 -16.39 14.43 -14.06
CA PRO B 31 -17.61 15.17 -14.40
C PRO B 31 -17.36 16.19 -15.50
N LYS B 32 -18.43 16.57 -16.17
CA LYS B 32 -18.36 17.67 -17.13
C LYS B 32 -18.34 19.00 -16.39
N LEU B 33 -17.63 19.98 -16.96
CA LEU B 33 -17.75 21.34 -16.48
C LEU B 33 -19.22 21.74 -16.43
N GLY B 34 -19.60 22.40 -15.34
CA GLY B 34 -20.97 22.83 -15.17
C GLY B 34 -21.94 21.76 -14.72
N GLU B 35 -21.62 20.48 -14.92
CA GLU B 35 -22.42 19.41 -14.33
C GLU B 35 -22.50 19.60 -12.82
N VAL B 36 -23.71 19.66 -12.28
CA VAL B 36 -23.90 19.73 -10.84
C VAL B 36 -24.08 18.29 -10.33
N VAL B 37 -23.24 17.89 -9.38
CA VAL B 37 -23.17 16.51 -8.93
C VAL B 37 -23.80 16.42 -7.55
N ASN B 38 -24.72 15.48 -7.39
CA ASN B 38 -25.32 15.22 -6.08
C ASN B 38 -25.12 13.79 -5.59
N THR B 39 -24.46 12.93 -6.36
CA THR B 39 -24.13 11.59 -5.95
C THR B 39 -22.69 11.54 -5.43
N HIS B 40 -22.29 10.36 -4.95
CA HIS B 40 -20.95 10.13 -4.41
C HIS B 40 -20.47 8.77 -4.86
N GLY B 41 -19.43 8.71 -5.68
CA GLY B 41 -18.86 7.43 -6.03
C GLY B 41 -18.13 7.39 -7.35
N PRO B 42 -17.67 6.19 -7.73
CA PRO B 42 -16.89 6.03 -8.96
C PRO B 42 -17.70 6.39 -10.20
N VAL B 43 -16.99 6.90 -11.21
CA VAL B 43 -17.64 7.14 -12.49
C VAL B 43 -17.70 5.87 -13.33
N GLU B 44 -16.69 5.01 -13.23
CA GLU B 44 -16.58 3.80 -14.02
C GLU B 44 -16.10 2.67 -13.13
N PRO B 45 -16.35 1.41 -13.53
CA PRO B 45 -15.99 0.28 -12.66
C PRO B 45 -14.49 0.09 -12.50
N ASP B 46 -14.09 -0.49 -11.38
CA ASP B 46 -12.75 -1.02 -11.25
C ASP B 46 -12.48 -1.99 -12.38
N LYS B 47 -11.30 -1.91 -12.98
CA LYS B 47 -10.99 -2.70 -14.17
C LYS B 47 -10.38 -4.03 -13.77
N ASP B 48 -10.96 -5.13 -14.25
CA ASP B 48 -10.37 -6.43 -13.96
C ASP B 48 -9.47 -6.92 -15.09
N ASN B 49 -9.33 -6.15 -16.17
CA ASN B 49 -8.29 -6.32 -17.18
C ASN B 49 -7.62 -4.97 -17.38
N ILE B 50 -6.30 -4.92 -17.28
CA ILE B 50 -5.55 -3.68 -17.47
C ILE B 50 -4.59 -3.85 -18.64
N ARG B 51 -4.60 -2.87 -19.54
CA ARG B 51 -3.67 -2.81 -20.65
C ARG B 51 -2.24 -3.04 -20.18
N GLN B 52 -1.59 -4.07 -20.72
CA GLN B 52 -0.24 -4.40 -20.28
C GLN B 52 0.83 -3.61 -20.99
N GLU B 53 0.54 -3.04 -22.16
CA GLU B 53 1.49 -2.33 -22.99
C GLU B 53 1.47 -0.85 -22.66
N PRO B 54 2.62 -0.22 -22.51
CA PRO B 54 2.68 1.24 -22.37
C PRO B 54 2.02 1.91 -23.58
N TYR B 55 1.40 3.06 -23.34
CA TYR B 55 0.79 3.81 -24.43
C TYR B 55 1.86 4.29 -25.40
N THR B 56 1.44 4.50 -26.65
CA THR B 56 2.36 4.89 -27.70
C THR B 56 2.72 6.37 -27.58
N LEU B 57 4.02 6.65 -27.54
CA LEU B 57 4.55 7.99 -27.61
C LEU B 57 4.83 8.38 -29.06
N PRO B 58 4.91 9.69 -29.34
CA PRO B 58 5.34 10.12 -30.67
C PRO B 58 6.70 9.52 -31.02
N GLN B 59 6.93 9.37 -32.32
CA GLN B 59 8.18 8.77 -32.80
C GLN B 59 9.37 9.49 -32.21
N GLY B 60 10.36 8.73 -31.76
CA GLY B 60 11.56 9.34 -31.24
C GLY B 60 11.57 9.57 -29.74
N PHE B 61 10.52 9.15 -29.03
CA PHE B 61 10.44 9.31 -27.58
C PHE B 61 10.10 7.97 -26.95
N THR B 62 10.53 7.78 -25.71
CA THR B 62 10.37 6.49 -25.05
C THR B 62 10.15 6.70 -23.55
N TRP B 63 9.52 5.72 -22.92
CA TRP B 63 9.25 5.76 -21.48
C TRP B 63 10.50 5.40 -20.70
N ASP B 64 10.63 5.99 -19.50
CA ASP B 64 11.66 5.57 -18.56
C ASP B 64 11.22 5.89 -17.14
N ALA B 65 11.14 4.87 -16.29
CA ALA B 65 10.87 5.08 -14.88
C ALA B 65 12.12 5.65 -14.21
N LEU B 66 11.96 6.71 -13.44
CA LEU B 66 13.12 7.40 -12.89
C LEU B 66 13.41 6.87 -11.49
N ASP B 67 14.58 6.25 -11.32
CA ASP B 67 15.06 5.87 -10.00
C ASP B 67 15.74 7.09 -9.39
N LEU B 68 15.05 7.77 -8.48
CA LEU B 68 15.57 9.00 -7.89
C LEU B 68 16.69 8.75 -6.89
N GLY B 69 16.90 7.50 -6.48
CA GLY B 69 18.06 7.17 -5.65
C GLY B 69 19.36 7.29 -6.40
N ASP B 70 19.32 7.20 -7.72
CA ASP B 70 20.44 7.55 -8.60
C ASP B 70 20.55 9.07 -8.64
N ARG B 71 21.64 9.61 -8.08
CA ARG B 71 21.79 11.06 -7.99
C ARG B 71 21.78 11.72 -9.36
N GLY B 72 22.36 11.06 -10.36
CA GLY B 72 22.36 11.62 -11.70
C GLY B 72 20.95 11.76 -12.25
N VAL B 73 20.11 10.75 -12.05
CA VAL B 73 18.74 10.81 -12.54
C VAL B 73 17.95 11.89 -11.78
N LEU B 74 18.16 11.99 -10.46
CA LEU B 74 17.48 13.03 -9.70
C LEU B 74 17.86 14.41 -10.21
N LYS B 75 19.14 14.60 -10.54
CA LYS B 75 19.54 15.87 -11.12
C LYS B 75 18.86 16.11 -12.46
N GLU B 76 18.69 15.06 -13.27
CA GLU B 76 18.01 15.23 -14.54
C GLU B 76 16.58 15.70 -14.34
N LEU B 77 15.88 15.14 -13.34
CA LEU B 77 14.53 15.61 -13.06
C LEU B 77 14.54 17.03 -12.51
N TYR B 78 15.46 17.32 -11.58
CA TYR B 78 15.59 18.69 -11.08
C TYR B 78 15.75 19.66 -12.24
N THR B 79 16.60 19.32 -13.20
CA THR B 79 16.89 20.21 -14.31
C THR B 79 15.69 20.36 -15.24
N LEU B 80 15.01 19.26 -15.55
CA LEU B 80 13.78 19.34 -16.32
C LEU B 80 12.79 20.30 -15.68
N LEU B 81 12.53 20.12 -14.38
CA LEU B 81 11.55 20.98 -13.71
C LEU B 81 12.08 22.40 -13.57
N ASN B 82 13.35 22.55 -13.20
CA ASN B 82 13.92 23.89 -13.05
C ASN B 82 13.83 24.71 -14.34
N GLU B 83 13.85 24.06 -15.50
CA GLU B 83 13.82 24.79 -16.76
C GLU B 83 12.46 24.80 -17.44
N ASN B 84 11.54 23.89 -17.05
CA ASN B 84 10.32 23.75 -17.82
C ASN B 84 9.04 23.67 -16.99
N TYR B 85 9.10 23.78 -15.67
CA TYR B 85 7.91 23.55 -14.85
C TYR B 85 7.14 24.87 -14.69
N VAL B 86 6.28 24.94 -13.67
CA VAL B 86 5.23 25.97 -13.60
C VAL B 86 5.84 27.35 -13.43
N GLU B 87 5.32 28.32 -14.19
CA GLU B 87 5.70 29.71 -14.06
C GLU B 87 4.50 30.54 -13.59
N ASP B 88 4.78 31.72 -13.08
CA ASP B 88 3.70 32.64 -12.76
C ASP B 88 3.02 33.11 -14.06
N ASP B 89 1.91 33.82 -13.88
CA ASP B 89 1.08 34.19 -15.02
C ASP B 89 1.82 35.06 -16.03
N ASP B 90 2.82 35.83 -15.59
CA ASP B 90 3.53 36.76 -16.47
C ASP B 90 4.93 36.29 -16.83
N ASN B 91 5.25 35.02 -16.60
CA ASN B 91 6.53 34.43 -17.02
C ASN B 91 7.73 35.19 -16.45
N MET B 92 7.64 35.51 -15.15
CA MET B 92 8.74 36.17 -14.46
C MET B 92 9.41 35.28 -13.42
N PHE B 93 8.71 34.27 -12.91
CA PHE B 93 9.24 33.36 -11.89
C PHE B 93 8.83 31.93 -12.21
N ARG B 94 9.73 30.98 -11.93
CA ARG B 94 9.46 29.56 -12.13
C ARG B 94 9.82 28.81 -10.85
N PHE B 95 8.99 27.84 -10.48
CA PHE B 95 9.31 26.99 -9.33
C PHE B 95 10.73 26.44 -9.46
N ASP B 96 11.45 26.40 -8.34
CA ASP B 96 12.79 25.82 -8.31
C ASP B 96 12.85 24.74 -7.23
N TYR B 97 12.05 23.68 -7.41
CA TYR B 97 12.07 22.56 -6.46
C TYR B 97 13.47 21.99 -6.36
N SER B 98 13.97 21.85 -5.14
CA SER B 98 15.31 21.33 -4.93
C SER B 98 15.34 19.81 -5.07
N PRO B 99 16.50 19.23 -5.35
CA PRO B 99 16.58 17.76 -5.42
C PRO B 99 16.13 17.09 -4.14
N GLU B 100 16.52 17.66 -2.99
CA GLU B 100 16.13 17.12 -1.69
C GLU B 100 14.63 17.24 -1.48
N PHE B 101 14.04 18.37 -1.88
CA PHE B 101 12.59 18.49 -1.81
C PHE B 101 11.91 17.42 -2.66
N LEU B 102 12.40 17.23 -3.88
CA LEU B 102 11.79 16.24 -4.77
C LEU B 102 11.81 14.85 -4.16
N LEU B 103 12.94 14.46 -3.55
CA LEU B 103 12.97 13.19 -2.82
C LEU B 103 11.89 13.14 -1.73
N TRP B 104 11.70 14.25 -1.01
CA TRP B 104 10.67 14.29 0.02
C TRP B 104 9.28 14.12 -0.58
N ALA B 105 8.99 14.84 -1.67
CA ALA B 105 7.68 14.79 -2.26
C ALA B 105 7.43 13.47 -3.00
N LEU B 106 8.47 12.84 -3.52
CA LEU B 106 8.30 11.73 -4.44
C LEU B 106 8.64 10.38 -3.85
N ARG B 107 9.24 10.34 -2.66
CA ARG B 107 9.47 9.07 -1.97
C ARG B 107 8.83 9.03 -0.57
N PRO B 108 7.52 9.31 -0.45
CA PRO B 108 6.85 9.09 0.82
C PRO B 108 6.62 7.61 1.05
N PRO B 109 6.14 7.21 2.24
CA PRO B 109 5.86 5.79 2.48
C PRO B 109 5.02 5.17 1.36
N GLY B 110 5.51 4.06 0.83
CA GLY B 110 4.76 3.34 -0.16
C GLY B 110 5.03 3.74 -1.59
N TRP B 111 5.95 4.69 -1.81
CA TRP B 111 6.25 5.13 -3.17
C TRP B 111 6.68 3.98 -4.05
N LEU B 112 6.42 4.11 -5.35
CA LEU B 112 6.76 3.08 -6.32
C LEU B 112 7.59 3.68 -7.44
N PRO B 113 8.69 3.04 -7.83
CA PRO B 113 9.53 3.60 -8.90
C PRO B 113 8.82 3.69 -10.24
N GLN B 114 7.93 2.74 -10.56
CA GLN B 114 7.23 2.85 -11.84
C GLN B 114 6.28 4.05 -11.89
N TRP B 115 5.95 4.65 -10.74
CA TRP B 115 5.12 5.84 -10.70
C TRP B 115 5.92 7.13 -10.79
N HIS B 116 7.22 7.06 -11.04
CA HIS B 116 8.03 8.22 -11.40
C HIS B 116 8.24 8.12 -12.91
N CYS B 117 7.29 8.65 -13.66
CA CYS B 117 7.10 8.24 -15.05
C CYS B 117 7.71 9.30 -15.96
N GLY B 118 8.89 9.01 -16.50
CA GLY B 118 9.61 9.96 -17.34
C GLY B 118 9.45 9.66 -18.83
N VAL B 119 9.74 10.68 -19.65
CA VAL B 119 9.80 10.55 -21.10
C VAL B 119 11.17 11.01 -21.55
N ARG B 120 11.85 10.17 -22.36
CA ARG B 120 13.18 10.51 -22.85
C ARG B 120 13.19 10.50 -24.38
N VAL B 121 14.05 11.36 -24.94
CA VAL B 121 14.38 11.26 -26.36
C VAL B 121 15.09 9.95 -26.59
N VAL B 122 14.68 9.22 -27.63
CA VAL B 122 15.23 7.88 -27.86
C VAL B 122 16.73 7.96 -28.14
N SER B 123 17.14 8.86 -29.04
CA SER B 123 18.52 8.86 -29.49
C SER B 123 19.47 9.43 -28.43
N SER B 124 19.06 10.48 -27.73
CA SER B 124 19.94 11.15 -26.79
C SER B 124 19.68 10.78 -25.33
N ARG B 125 18.57 10.12 -25.04
CA ARG B 125 18.13 9.80 -23.68
C ARG B 125 17.82 11.04 -22.86
N LYS B 126 17.76 12.22 -23.47
CA LYS B 126 17.47 13.43 -22.71
C LYS B 126 16.08 13.35 -22.11
N LEU B 127 15.97 13.74 -20.83
CA LEU B 127 14.67 13.73 -20.16
C LEU B 127 13.86 14.94 -20.62
N VAL B 128 12.67 14.69 -21.16
CA VAL B 128 11.85 15.75 -21.75
C VAL B 128 10.42 15.73 -21.23
N GLY B 129 10.05 14.80 -20.35
CA GLY B 129 8.70 14.79 -19.82
C GLY B 129 8.66 14.02 -18.52
N PHE B 130 7.66 14.33 -17.70
CA PHE B 130 7.53 13.65 -16.41
C PHE B 130 6.10 13.77 -15.91
N ILE B 131 5.72 12.79 -15.10
CA ILE B 131 4.52 12.84 -14.28
C ILE B 131 4.72 11.81 -13.18
N SER B 132 4.14 12.09 -12.00
CA SER B 132 4.35 11.19 -10.87
C SER B 132 3.03 10.88 -10.16
N ALA B 133 3.00 9.71 -9.55
CA ALA B 133 1.95 9.35 -8.61
C ALA B 133 2.59 8.89 -7.30
N ILE B 134 1.98 9.26 -6.18
CA ILE B 134 2.36 8.72 -4.88
C ILE B 134 1.08 8.23 -4.22
N PRO B 135 1.13 7.17 -3.42
CA PRO B 135 -0.09 6.69 -2.77
C PRO B 135 -0.54 7.63 -1.66
N ALA B 136 -1.86 7.73 -1.51
CA ALA B 136 -2.43 8.50 -0.41
C ALA B 136 -3.81 7.95 -0.10
N ASN B 137 -4.10 7.75 1.18
CA ASN B 137 -5.47 7.51 1.59
C ASN B 137 -6.17 8.85 1.74
N ILE B 138 -7.35 8.95 1.14
CA ILE B 138 -8.06 10.21 0.99
C ILE B 138 -9.46 10.05 1.58
N HIS B 139 -9.83 10.95 2.46
CA HIS B 139 -11.19 11.01 2.98
C HIS B 139 -11.97 12.02 2.14
N ILE B 140 -13.02 11.55 1.47
CA ILE B 140 -13.82 12.44 0.63
C ILE B 140 -15.25 12.27 1.07
N TYR B 141 -15.80 13.33 1.68
CA TYR B 141 -17.09 13.28 2.35
C TYR B 141 -17.15 12.08 3.28
N ASP B 142 -18.03 11.10 3.02
CA ASP B 142 -18.19 10.01 3.97
C ASP B 142 -17.43 8.76 3.58
N THR B 143 -16.50 8.86 2.63
CA THR B 143 -15.74 7.72 2.15
C THR B 143 -14.25 7.95 2.33
N GLU B 144 -13.56 6.90 2.78
CA GLU B 144 -12.11 6.80 2.73
C GLU B 144 -11.76 5.90 1.56
N LYS B 145 -10.81 6.34 0.74
CA LYS B 145 -10.41 5.63 -0.46
C LYS B 145 -8.90 5.68 -0.59
N LYS B 146 -8.29 4.53 -0.87
CA LYS B 146 -6.89 4.53 -1.26
C LYS B 146 -6.79 5.11 -2.67
N MET B 147 -5.99 6.15 -2.83
CA MET B 147 -5.86 6.89 -4.09
C MET B 147 -4.40 7.09 -4.37
N VAL B 148 -4.12 7.82 -5.44
CA VAL B 148 -2.81 8.40 -5.63
C VAL B 148 -2.97 9.90 -5.73
N GLU B 149 -1.90 10.61 -5.40
CA GLU B 149 -1.76 12.03 -5.67
C GLU B 149 -0.86 12.18 -6.88
N ILE B 150 -1.32 12.92 -7.87
CA ILE B 150 -0.56 13.17 -9.08
C ILE B 150 0.11 14.51 -8.97
N ASN B 151 1.36 14.59 -9.41
CA ASN B 151 2.14 15.81 -9.25
C ASN B 151 3.20 15.87 -10.33
N PHE B 152 3.71 17.07 -10.56
CA PHE B 152 4.91 17.29 -11.37
C PHE B 152 4.71 16.90 -12.83
N LEU B 153 3.52 17.15 -13.35
CA LEU B 153 3.29 16.97 -14.78
C LEU B 153 4.06 18.05 -15.53
N CYS B 154 4.99 17.64 -16.37
CA CYS B 154 5.90 18.58 -17.01
C CYS B 154 6.31 18.06 -18.38
N VAL B 155 6.17 18.90 -19.39
CA VAL B 155 6.61 18.59 -20.75
C VAL B 155 7.60 19.68 -21.17
N HIS B 156 8.76 19.26 -21.68
CA HIS B 156 9.79 20.20 -22.09
C HIS B 156 9.22 21.28 -23.00
N LYS B 157 9.67 22.52 -22.79
CA LYS B 157 9.16 23.66 -23.57
C LYS B 157 9.22 23.41 -25.08
N LYS B 158 10.24 22.69 -25.55
CA LYS B 158 10.35 22.40 -26.97
C LYS B 158 9.42 21.29 -27.44
N LEU B 159 8.91 20.48 -26.52
CA LEU B 159 8.00 19.39 -26.85
C LEU B 159 6.54 19.77 -26.66
N ARG B 160 6.25 21.01 -26.28
CA ARG B 160 4.89 21.41 -25.93
C ARG B 160 3.97 21.35 -27.14
N SER B 161 2.67 21.35 -26.84
CA SER B 161 1.59 21.43 -27.84
C SER B 161 1.70 20.34 -28.90
N LYS B 162 2.41 19.23 -28.60
CA LYS B 162 2.37 18.01 -29.39
C LYS B 162 1.55 16.94 -28.69
N ARG B 163 0.64 17.37 -27.82
CA ARG B 163 -0.22 16.51 -26.99
CA ARG B 163 -0.22 16.51 -26.99
C ARG B 163 0.54 15.33 -26.38
N VAL B 164 1.70 15.64 -25.79
CA VAL B 164 2.39 14.63 -24.98
C VAL B 164 1.76 14.52 -23.59
N ALA B 165 1.15 15.61 -23.11
CA ALA B 165 0.55 15.59 -21.78
C ALA B 165 -0.56 14.55 -21.67
N PRO B 166 -1.50 14.42 -22.62
CA PRO B 166 -2.50 13.35 -22.51
C PRO B 166 -1.88 11.97 -22.45
N VAL B 167 -0.78 11.74 -23.16
CA VAL B 167 -0.18 10.41 -23.10
C VAL B 167 0.43 10.17 -21.72
N LEU B 168 1.12 11.18 -21.18
CA LEU B 168 1.63 11.08 -19.81
C LEU B 168 0.51 10.74 -18.84
N ILE B 169 -0.65 11.37 -19.01
CA ILE B 169 -1.73 11.14 -18.06
C ILE B 169 -2.31 9.74 -18.24
N ARG B 170 -2.50 9.29 -19.49
CA ARG B 170 -2.99 7.94 -19.69
C ARG B 170 -1.99 6.90 -19.19
N GLU B 171 -0.70 7.18 -19.35
CA GLU B 171 0.28 6.18 -18.92
C GLU B 171 0.35 6.08 -17.40
N ILE B 172 0.34 7.20 -16.69
CA ILE B 172 0.35 7.07 -15.23
C ILE B 172 -0.95 6.45 -14.75
N THR B 173 -2.07 6.74 -15.44
CA THR B 173 -3.32 6.09 -15.11
C THR B 173 -3.19 4.57 -15.22
N ARG B 174 -2.67 4.11 -16.36
CA ARG B 174 -2.45 2.68 -16.57
C ARG B 174 -1.58 2.07 -15.47
N ARG B 175 -0.48 2.75 -15.15
CA ARG B 175 0.46 2.20 -14.18
C ARG B 175 -0.12 2.18 -12.77
N VAL B 176 -1.00 3.13 -12.45
CA VAL B 176 -1.69 3.11 -11.16
C VAL B 176 -2.76 2.02 -11.15
N HIS B 177 -3.47 1.87 -12.29
CA HIS B 177 -4.48 0.81 -12.40
C HIS B 177 -3.87 -0.56 -12.13
N LEU B 178 -2.65 -0.79 -12.61
CA LEU B 178 -2.01 -2.09 -12.44
C LEU B 178 -1.83 -2.43 -10.97
N GLU B 179 -1.73 -1.41 -10.11
CA GLU B 179 -1.58 -1.64 -8.69
C GLU B 179 -2.91 -1.68 -7.96
N GLY B 180 -4.03 -1.71 -8.70
CA GLY B 180 -5.33 -1.87 -8.11
C GLY B 180 -5.94 -0.60 -7.56
N ILE B 181 -5.51 0.56 -8.05
CA ILE B 181 -5.97 1.86 -7.55
C ILE B 181 -6.69 2.54 -8.70
N PHE B 182 -7.91 3.06 -8.43
CA PHE B 182 -8.74 3.57 -9.51
C PHE B 182 -9.24 4.98 -9.26
N GLN B 183 -8.71 5.67 -8.25
CA GLN B 183 -9.05 7.05 -7.97
C GLN B 183 -7.76 7.84 -7.74
N ALA B 184 -7.82 9.14 -8.04
CA ALA B 184 -6.68 10.00 -7.80
C ALA B 184 -7.16 11.38 -7.41
N VAL B 185 -6.30 12.12 -6.71
CA VAL B 185 -6.53 13.53 -6.41
C VAL B 185 -5.37 14.31 -7.00
N TYR B 186 -5.66 15.51 -7.51
CA TYR B 186 -4.65 16.35 -8.13
C TYR B 186 -5.13 17.79 -8.11
N THR B 187 -4.17 18.71 -8.26
CA THR B 187 -4.48 20.13 -8.33
C THR B 187 -3.91 20.68 -9.63
N ALA B 188 -4.38 21.87 -9.97
CA ALA B 188 -3.87 22.57 -11.15
C ALA B 188 -4.25 24.03 -11.04
N GLY B 189 -3.40 24.90 -11.58
CA GLY B 189 -3.73 26.30 -11.67
C GLY B 189 -4.73 26.64 -12.76
N VAL B 190 -5.03 25.68 -13.64
CA VAL B 190 -5.96 25.89 -14.75
C VAL B 190 -7.26 25.15 -14.46
N VAL B 191 -8.33 25.59 -15.10
CA VAL B 191 -9.64 24.98 -14.92
C VAL B 191 -9.81 23.84 -15.93
N LEU B 192 -10.15 22.67 -15.43
CA LEU B 192 -10.44 21.48 -16.22
C LEU B 192 -11.75 20.90 -15.72
N PRO B 193 -12.38 20.01 -16.49
CA PRO B 193 -13.50 19.24 -15.94
C PRO B 193 -12.98 18.31 -14.85
N LYS B 194 -13.48 18.46 -13.62
CA LYS B 194 -14.27 19.58 -13.11
C LYS B 194 -13.80 19.79 -11.66
N PRO B 195 -13.51 21.03 -11.27
CA PRO B 195 -13.00 21.25 -9.90
C PRO B 195 -13.99 20.77 -8.87
N VAL B 196 -13.49 19.99 -7.90
CA VAL B 196 -14.30 19.70 -6.72
C VAL B 196 -14.18 20.84 -5.70
N GLY B 197 -13.15 21.66 -5.81
CA GLY B 197 -13.00 22.84 -4.98
C GLY B 197 -12.05 23.80 -5.63
N THR B 198 -12.29 25.09 -5.43
CA THR B 198 -11.44 26.13 -5.99
C THR B 198 -10.86 26.95 -4.85
N CYS B 199 -9.53 26.99 -4.75
CA CYS B 199 -8.82 27.72 -3.72
C CYS B 199 -7.99 28.83 -4.34
N ARG B 200 -7.79 29.89 -3.58
CA ARG B 200 -7.04 31.06 -4.03
C ARG B 200 -5.78 31.19 -3.18
N TYR B 201 -4.64 31.43 -3.82
CA TYR B 201 -3.43 31.74 -3.05
C TYR B 201 -3.45 33.17 -2.53
N TRP B 202 -2.92 33.35 -1.33
CA TRP B 202 -2.65 34.64 -0.71
C TRP B 202 -1.19 34.70 -0.31
N HIS B 203 -0.67 35.93 -0.18
CA HIS B 203 0.75 36.14 0.01
C HIS B 203 1.01 37.13 1.13
N ARG B 204 1.95 36.79 2.00
CA ARG B 204 2.32 37.68 3.12
C ARG B 204 3.79 38.08 2.94
N SER B 205 4.01 39.34 2.59
CA SER B 205 5.38 39.84 2.43
C SER B 205 6.15 39.72 3.73
N LEU B 206 7.36 39.20 3.63
CA LEU B 206 8.31 39.17 4.75
C LEU B 206 9.51 40.05 4.49
N ASN B 207 10.01 40.08 3.26
N ASN B 207 9.99 40.09 3.25
CA ASN B 207 11.09 40.96 2.85
CA ASN B 207 11.08 40.95 2.82
C ASN B 207 10.54 41.80 1.69
C ASN B 207 10.54 41.81 1.68
N PRO B 208 9.72 42.80 1.99
CA PRO B 208 9.06 43.57 0.91
C PRO B 208 10.03 44.30 0.01
N ARG B 209 11.15 44.79 0.54
CA ARG B 209 12.15 45.43 -0.30
C ARG B 209 12.57 44.50 -1.45
N LYS B 210 12.90 43.25 -1.14
CA LYS B 210 13.31 42.35 -2.20
C LYS B 210 12.15 41.99 -3.11
N LEU B 211 10.96 41.79 -2.54
CA LEU B 211 9.80 41.43 -3.35
C LEU B 211 9.51 42.51 -4.39
N ILE B 212 9.58 43.78 -3.99
CA ILE B 212 9.32 44.86 -4.92
C ILE B 212 10.45 44.99 -5.93
N GLU B 213 11.69 44.79 -5.47
CA GLU B 213 12.84 44.90 -6.37
C GLU B 213 12.73 43.92 -7.55
N VAL B 214 12.45 42.64 -7.27
CA VAL B 214 12.29 41.65 -8.33
C VAL B 214 10.90 41.67 -8.95
N LYS B 215 10.05 42.61 -8.54
CA LYS B 215 8.71 42.81 -9.11
C LYS B 215 7.79 41.62 -8.86
N PHE B 216 8.00 40.93 -7.74
CA PHE B 216 7.01 39.97 -7.26
C PHE B 216 5.78 40.68 -6.72
N SER B 217 6.00 41.77 -6.00
CA SER B 217 4.93 42.67 -5.63
C SER B 217 5.30 44.07 -6.11
N HIS B 218 4.43 45.03 -5.85
CA HIS B 218 4.70 46.39 -6.26
C HIS B 218 4.28 47.34 -5.16
N LEU B 219 4.96 48.49 -5.10
CA LEU B 219 4.67 49.51 -4.12
C LEU B 219 3.25 50.03 -4.33
N SER B 220 2.41 49.90 -3.31
CA SER B 220 1.01 50.28 -3.41
C SER B 220 0.88 51.80 -3.64
N ARG B 221 -0.33 52.23 -4.01
CA ARG B 221 -0.55 53.61 -4.44
C ARG B 221 -0.37 54.57 -3.26
N ASN B 222 0.55 55.53 -3.43
CA ASN B 222 0.82 56.55 -2.43
C ASN B 222 1.31 55.95 -1.11
N MET B 223 2.12 54.90 -1.21
CA MET B 223 2.84 54.34 -0.08
C MET B 223 4.31 54.26 -0.44
N THR B 224 5.17 54.77 0.43
CA THR B 224 6.60 54.68 0.18
C THR B 224 7.13 53.30 0.54
N MET B 225 8.37 53.03 0.10
CA MET B 225 9.07 51.83 0.54
C MET B 225 9.25 51.83 2.06
N GLN B 226 9.57 53.00 2.63
CA GLN B 226 9.72 53.10 4.08
C GLN B 226 8.43 52.71 4.81
N ARG B 227 7.28 53.22 4.32
CA ARG B 227 6.01 52.87 4.93
C ARG B 227 5.71 51.38 4.80
N THR B 228 6.04 50.81 3.63
CA THR B 228 5.78 49.41 3.37
C THR B 228 6.54 48.51 4.33
N MET B 229 7.81 48.85 4.59
CA MET B 229 8.61 48.02 5.48
C MET B 229 8.10 48.10 6.91
N LYS B 230 7.68 49.28 7.36
CA LYS B 230 7.06 49.38 8.68
C LYS B 230 5.79 48.56 8.75
N LEU B 231 4.96 48.61 7.72
CA LEU B 231 3.67 47.91 7.77
C LEU B 231 3.87 46.40 7.91
N TYR B 232 4.89 45.86 7.26
CA TYR B 232 5.11 44.41 7.23
C TYR B 232 6.08 43.93 8.29
N ARG B 233 6.64 44.83 9.10
CA ARG B 233 7.61 44.41 10.10
C ARG B 233 6.97 43.47 11.12
N LEU B 234 7.73 42.49 11.55
CA LEU B 234 7.28 41.49 12.48
C LEU B 234 8.18 41.47 13.70
N PRO B 235 7.69 41.02 14.86
CA PRO B 235 8.55 40.83 16.02
C PRO B 235 9.69 39.86 15.70
N GLU B 236 10.76 39.96 16.50
CA GLU B 236 11.96 39.16 16.24
C GLU B 236 11.87 37.74 16.78
N THR B 237 10.93 37.47 17.69
CA THR B 237 10.78 36.13 18.27
C THR B 237 9.29 35.83 18.45
N PRO B 238 8.90 34.57 18.36
CA PRO B 238 7.48 34.23 18.45
C PRO B 238 6.88 34.52 19.81
N LYS B 239 5.56 34.63 19.82
CA LYS B 239 4.81 35.01 21.01
C LYS B 239 4.33 33.80 21.81
N THR B 240 4.03 32.68 21.16
CA THR B 240 3.35 31.58 21.84
C THR B 240 4.28 30.87 22.81
N ALA B 241 3.78 30.66 24.03
CA ALA B 241 4.51 29.95 25.07
C ALA B 241 4.72 28.50 24.67
N GLY B 242 5.97 28.04 24.70
CA GLY B 242 6.27 26.63 24.54
C GLY B 242 6.45 26.19 23.12
N LEU B 243 6.53 27.12 22.17
CA LEU B 243 6.74 26.77 20.79
C LEU B 243 8.17 26.27 20.60
N ARG B 244 8.33 25.15 19.90
CA ARG B 244 9.64 24.60 19.62
C ARG B 244 9.53 23.71 18.39
N PRO B 245 10.64 23.41 17.73
CA PRO B 245 10.58 22.49 16.59
C PRO B 245 10.05 21.13 16.99
N MET B 246 9.33 20.51 16.05
CA MET B 246 8.92 19.13 16.21
C MET B 246 10.13 18.20 16.35
N GLU B 247 10.00 17.22 17.24
CA GLU B 247 11.01 16.19 17.48
C GLU B 247 10.37 14.83 17.30
N THR B 248 11.21 13.79 17.30
CA THR B 248 10.72 12.43 17.10
C THR B 248 9.66 12.05 18.11
N LYS B 249 9.83 12.45 19.38
CA LYS B 249 8.86 12.09 20.40
C LYS B 249 7.50 12.72 20.15
N ASP B 250 7.42 13.76 19.31
CA ASP B 250 6.14 14.40 18.98
C ASP B 250 5.37 13.69 17.86
N ILE B 251 5.97 12.74 17.17
CA ILE B 251 5.30 12.12 16.04
C ILE B 251 3.90 11.61 16.39
N PRO B 252 3.71 10.83 17.45
CA PRO B 252 2.34 10.35 17.74
C PRO B 252 1.33 11.44 18.02
N VAL B 253 1.68 12.46 18.82
CA VAL B 253 0.67 13.45 19.17
C VAL B 253 0.36 14.34 17.98
N VAL B 254 1.36 14.65 17.15
CA VAL B 254 1.09 15.37 15.91
C VAL B 254 0.12 14.56 15.05
N HIS B 255 0.36 13.25 14.95
CA HIS B 255 -0.57 12.39 14.22
C HIS B 255 -1.96 12.44 14.84
N GLN B 256 -2.03 12.39 16.17
CA GLN B 256 -3.33 12.42 16.82
C GLN B 256 -4.01 13.76 16.62
N LEU B 257 -3.27 14.86 16.79
CA LEU B 257 -3.84 16.20 16.61
C LEU B 257 -4.35 16.40 15.20
N LEU B 258 -3.56 16.01 14.21
CA LEU B 258 -3.93 16.22 12.82
C LEU B 258 -5.17 15.41 12.44
N THR B 259 -5.20 14.15 12.82
CA THR B 259 -6.33 13.29 12.46
C THR B 259 -7.65 13.85 13.00
N ARG B 260 -7.67 14.21 14.28
CA ARG B 260 -8.88 14.78 14.88
C ARG B 260 -9.24 16.12 14.26
N TYR B 261 -8.23 16.94 13.95
CA TYR B 261 -8.51 18.26 13.38
C TYR B 261 -9.10 18.16 11.98
N LEU B 262 -8.62 17.22 11.19
CA LEU B 262 -9.04 17.12 9.79
C LEU B 262 -10.47 16.62 9.61
N LYS B 263 -11.10 16.08 10.65
CA LYS B 263 -12.45 15.52 10.48
C LYS B 263 -13.48 16.57 10.10
N GLN B 264 -13.23 17.85 10.39
CA GLN B 264 -14.19 18.89 10.10
C GLN B 264 -14.23 19.30 8.62
N PHE B 265 -13.33 18.80 7.80
CA PHE B 265 -13.30 19.15 6.38
C PHE B 265 -13.80 17.97 5.54
N HIS B 266 -14.04 18.23 4.25
CA HIS B 266 -14.65 17.22 3.40
C HIS B 266 -13.66 16.54 2.46
N LEU B 267 -12.48 17.09 2.25
CA LEU B 267 -11.45 16.48 1.42
C LEU B 267 -10.14 16.57 2.18
N THR B 268 -9.66 15.45 2.70
CA THR B 268 -8.51 15.44 3.61
C THR B 268 -7.66 14.20 3.38
N PRO B 269 -6.39 14.25 3.74
CA PRO B 269 -5.60 13.02 3.78
C PRO B 269 -5.89 12.23 5.05
N VAL B 270 -5.64 10.94 4.97
CA VAL B 270 -5.71 10.04 6.12
C VAL B 270 -4.30 9.48 6.26
N MET B 271 -3.52 10.03 7.17
CA MET B 271 -2.11 9.69 7.26
C MET B 271 -1.87 8.68 8.37
N SER B 272 -1.08 7.65 8.07
CA SER B 272 -0.55 6.79 9.12
C SER B 272 0.48 7.57 9.94
N GLN B 273 0.90 6.97 11.06
CA GLN B 273 1.91 7.62 11.87
C GLN B 273 3.23 7.69 11.11
N GLU B 274 3.51 6.71 10.25
CA GLU B 274 4.71 6.75 9.42
C GLU B 274 4.64 7.85 8.37
N GLU B 275 3.45 8.08 7.81
CA GLU B 275 3.28 9.21 6.91
C GLU B 275 3.39 10.54 7.64
N VAL B 276 2.88 10.62 8.87
CA VAL B 276 3.04 11.86 9.62
C VAL B 276 4.51 12.17 9.83
N GLU B 277 5.29 11.14 10.19
CA GLU B 277 6.73 11.32 10.30
C GLU B 277 7.32 11.86 9.00
N HIS B 278 6.94 11.26 7.87
CA HIS B 278 7.55 11.69 6.61
C HIS B 278 7.19 13.13 6.27
N TRP B 279 5.91 13.48 6.40
CA TRP B 279 5.49 14.78 5.91
C TRP B 279 5.80 15.92 6.88
N PHE B 280 6.03 15.63 8.17
CA PHE B 280 6.15 16.71 9.15
C PHE B 280 7.47 16.78 9.90
N TYR B 281 8.23 15.71 9.98
CA TYR B 281 9.49 15.77 10.72
C TYR B 281 10.42 16.76 10.05
N PRO B 282 10.93 17.77 10.76
CA PRO B 282 11.59 18.89 10.08
C PRO B 282 12.81 18.44 9.29
N GLN B 283 12.96 19.01 8.10
CA GLN B 283 14.13 18.83 7.25
C GLN B 283 14.49 20.20 6.75
N GLU B 284 15.71 20.65 7.05
CA GLU B 284 16.08 22.02 6.71
C GLU B 284 15.93 22.27 5.22
N ASN B 285 15.32 23.41 4.89
CA ASN B 285 15.06 23.87 3.52
C ASN B 285 14.05 22.99 2.79
N ILE B 286 13.28 22.20 3.53
CA ILE B 286 12.24 21.38 2.88
C ILE B 286 10.95 21.56 3.66
N ILE B 287 10.95 21.15 4.92
CA ILE B 287 9.73 21.16 5.72
C ILE B 287 10.07 21.60 7.13
N ASP B 288 9.30 22.54 7.65
CA ASP B 288 9.42 23.03 9.01
C ASP B 288 8.13 22.75 9.75
N THR B 289 8.24 22.22 10.96
CA THR B 289 7.08 21.96 11.81
C THR B 289 7.46 22.37 13.23
N PHE B 290 6.63 23.22 13.83
CA PHE B 290 6.80 23.65 15.20
C PHE B 290 5.58 23.23 16.01
N VAL B 291 5.81 22.68 17.20
CA VAL B 291 4.72 22.28 18.09
C VAL B 291 4.67 23.24 19.28
N VAL B 292 3.48 23.37 19.85
CA VAL B 292 3.29 24.10 21.11
C VAL B 292 3.22 23.06 22.22
N GLU B 293 4.23 23.04 23.09
CA GLU B 293 4.26 22.19 24.27
C GLU B 293 4.01 23.06 25.50
N ASN B 294 2.87 22.84 26.17
CA ASN B 294 2.42 23.75 27.22
C ASN B 294 3.12 23.47 28.55
N ALA B 295 2.66 24.15 29.61
CA ALA B 295 3.28 24.06 30.93
C ALA B 295 3.09 22.70 31.59
N ASN B 296 2.19 21.88 31.07
CA ASN B 296 1.97 20.52 31.53
C ASN B 296 2.73 19.50 30.70
N GLY B 297 3.55 19.96 29.75
CA GLY B 297 4.25 19.06 28.85
C GLY B 297 3.40 18.49 27.74
N GLU B 298 2.17 18.98 27.56
CA GLU B 298 1.26 18.47 26.54
C GLU B 298 1.41 19.27 25.25
N VAL B 299 1.57 18.58 24.12
CA VAL B 299 1.57 19.23 22.81
C VAL B 299 0.13 19.46 22.38
N THR B 300 -0.27 20.72 22.25
CA THR B 300 -1.64 21.10 21.98
C THR B 300 -1.87 21.69 20.60
N ASP B 301 -0.81 22.10 19.90
CA ASP B 301 -0.97 22.75 18.61
C ASP B 301 0.30 22.50 17.81
N PHE B 302 0.19 22.64 16.49
CA PHE B 302 1.41 22.67 15.68
C PHE B 302 1.17 23.46 14.40
N LEU B 303 2.26 24.02 13.87
CA LEU B 303 2.24 24.74 12.61
C LEU B 303 3.31 24.17 11.70
N SER B 304 3.08 24.27 10.39
CA SER B 304 4.07 23.73 9.46
C SER B 304 4.03 24.46 8.13
N PHE B 305 5.18 24.52 7.47
CA PHE B 305 5.27 25.12 6.15
C PHE B 305 6.44 24.52 5.40
N TYR B 306 6.29 24.36 4.09
CA TYR B 306 7.36 23.81 3.28
C TYR B 306 8.04 24.89 2.45
N THR B 307 9.29 24.60 2.08
CA THR B 307 10.15 25.52 1.38
C THR B 307 10.04 25.29 -0.13
N LEU B 308 9.70 26.33 -0.88
CA LEU B 308 9.61 26.21 -2.33
C LEU B 308 10.10 27.50 -2.97
N PRO B 309 11.38 27.58 -3.28
CA PRO B 309 11.94 28.80 -3.87
C PRO B 309 11.67 28.86 -5.36
N SER B 310 11.92 30.03 -5.92
CA SER B 310 11.60 30.26 -7.33
C SER B 310 12.70 31.00 -8.05
N THR B 311 12.98 30.54 -9.28
CA THR B 311 13.93 31.21 -10.13
C THR B 311 13.36 32.54 -10.59
N ILE B 312 14.19 33.58 -10.57
CA ILE B 312 13.81 34.89 -11.08
C ILE B 312 14.21 34.92 -12.55
N MET B 313 13.22 34.81 -13.43
CA MET B 313 13.50 34.54 -14.84
C MET B 313 14.10 35.75 -15.55
N ASN B 314 13.53 36.94 -15.34
CA ASN B 314 13.94 38.12 -16.12
C ASN B 314 15.40 38.47 -15.82
N HIS B 315 15.76 38.54 -14.55
CA HIS B 315 17.15 38.68 -14.17
C HIS B 315 17.82 37.31 -14.24
N PRO B 316 19.17 37.25 -14.20
CA PRO B 316 19.85 35.96 -14.34
C PRO B 316 19.57 34.98 -13.20
N THR B 317 20.16 33.79 -13.30
CA THR B 317 20.08 32.72 -12.31
C THR B 317 20.84 33.03 -11.02
N HIS B 318 21.30 34.27 -10.82
CA HIS B 318 22.10 34.58 -9.64
C HIS B 318 21.24 34.61 -8.38
N LYS B 319 20.04 35.18 -8.47
CA LYS B 319 19.19 35.40 -7.32
C LYS B 319 18.01 34.42 -7.32
N SER B 320 17.37 34.29 -6.15
CA SER B 320 16.30 33.31 -6.01
C SER B 320 15.30 33.76 -4.95
N LEU B 321 14.02 33.68 -5.30
CA LEU B 321 12.93 34.11 -4.42
C LEU B 321 12.56 32.97 -3.48
N LYS B 322 12.71 33.17 -2.18
CA LYS B 322 12.52 32.11 -1.19
C LYS B 322 11.13 32.21 -0.57
N ALA B 323 10.25 31.27 -0.88
CA ALA B 323 8.88 31.29 -0.40
C ALA B 323 8.61 30.12 0.54
N ALA B 324 7.88 30.40 1.61
CA ALA B 324 7.34 29.38 2.48
C ALA B 324 5.87 29.18 2.15
N TYR B 325 5.43 27.92 2.13
CA TYR B 325 4.04 27.58 1.82
C TYR B 325 3.41 26.96 3.05
N SER B 326 2.32 27.55 3.52
CA SER B 326 1.61 27.00 4.66
C SER B 326 1.17 25.58 4.34
N PHE B 327 1.37 24.67 5.30
CA PHE B 327 1.15 23.25 5.08
C PHE B 327 -0.06 22.85 5.89
N TYR B 328 0.09 22.19 7.04
CA TYR B 328 -1.05 21.95 7.91
C TYR B 328 -0.83 22.65 9.25
N ASN B 329 -1.86 23.35 9.71
CA ASN B 329 -1.81 24.10 10.96
C ASN B 329 -2.97 23.66 11.82
N VAL B 330 -2.65 23.11 12.98
CA VAL B 330 -3.64 22.50 13.88
C VAL B 330 -3.61 23.24 15.20
N HIS B 331 -4.78 23.65 15.67
CA HIS B 331 -4.91 24.41 16.90
C HIS B 331 -5.98 23.75 17.75
N THR B 332 -5.66 23.51 19.03
CA THR B 332 -6.66 23.10 20.00
C THR B 332 -6.67 23.96 21.25
N GLN B 333 -5.58 24.66 21.56
CA GLN B 333 -5.55 25.55 22.72
C GLN B 333 -4.96 26.92 22.38
N THR B 334 -4.06 26.99 21.39
CA THR B 334 -3.55 28.29 20.95
C THR B 334 -4.44 28.82 19.83
N PRO B 335 -4.85 30.09 19.87
CA PRO B 335 -5.65 30.63 18.76
C PRO B 335 -4.93 30.49 17.43
N LEU B 336 -5.68 30.12 16.39
CA LEU B 336 -5.06 29.99 15.07
C LEU B 336 -4.39 31.28 14.65
N LEU B 337 -5.01 32.43 14.98
CA LEU B 337 -4.41 33.73 14.65
C LEU B 337 -2.99 33.84 15.23
N ASP B 338 -2.82 33.45 16.49
CA ASP B 338 -1.50 33.54 17.13
C ASP B 338 -0.51 32.55 16.53
N LEU B 339 -0.98 31.33 16.26
CA LEU B 339 -0.14 30.31 15.61
C LEU B 339 0.42 30.83 14.30
N MET B 340 -0.44 31.42 13.47
CA MET B 340 0.02 31.85 12.16
C MET B 340 0.90 33.08 12.28
N SER B 341 0.64 33.96 13.25
CA SER B 341 1.57 35.06 13.50
C SER B 341 2.96 34.53 13.81
N ASP B 342 3.04 33.50 14.66
CA ASP B 342 4.34 32.91 14.94
C ASP B 342 4.92 32.22 13.72
N ALA B 343 4.07 31.58 12.89
CA ALA B 343 4.56 31.03 11.62
C ALA B 343 5.25 32.10 10.79
N LEU B 344 4.65 33.29 10.67
CA LEU B 344 5.29 34.37 9.92
C LEU B 344 6.64 34.75 10.53
N VAL B 345 6.68 34.93 11.86
CA VAL B 345 7.92 35.29 12.53
C VAL B 345 8.99 34.24 12.27
N LEU B 346 8.63 32.95 12.37
CA LEU B 346 9.62 31.90 12.14
C LEU B 346 10.10 31.90 10.70
N ALA B 347 9.18 32.06 9.74
CA ALA B 347 9.60 32.13 8.35
C ALA B 347 10.52 33.32 8.10
N LYS B 348 10.15 34.48 8.64
CA LYS B 348 11.02 35.64 8.51
C LYS B 348 12.39 35.35 9.09
N MET B 349 12.43 34.78 10.30
CA MET B 349 13.68 34.40 10.93
C MET B 349 14.51 33.48 10.05
N LYS B 350 13.86 32.53 9.37
CA LYS B 350 14.61 31.59 8.54
C LYS B 350 14.99 32.15 7.18
N GLY B 351 14.75 33.43 6.93
CA GLY B 351 15.17 34.05 5.68
C GLY B 351 14.21 33.95 4.53
N PHE B 352 12.95 33.59 4.75
CA PHE B 352 12.00 33.56 3.66
C PHE B 352 11.62 34.98 3.26
N ASP B 353 11.33 35.16 1.97
CA ASP B 353 10.94 36.45 1.44
C ASP B 353 9.43 36.66 1.48
N VAL B 354 8.65 35.58 1.38
CA VAL B 354 7.20 35.68 1.36
C VAL B 354 6.64 34.41 1.97
N PHE B 355 5.45 34.51 2.54
CA PHE B 355 4.75 33.38 3.15
C PHE B 355 3.42 33.24 2.41
N ASN B 356 3.24 32.11 1.73
CA ASN B 356 2.05 31.85 0.94
C ASN B 356 1.09 30.93 1.70
N ALA B 357 -0.19 31.24 1.60
CA ALA B 357 -1.20 30.33 2.13
C ALA B 357 -2.42 30.39 1.21
N LEU B 358 -3.10 29.26 1.09
CA LEU B 358 -4.37 29.20 0.39
C LEU B 358 -5.50 29.61 1.32
N ASP B 359 -6.68 29.83 0.74
CA ASP B 359 -7.86 30.16 1.54
C ASP B 359 -8.65 28.92 1.96
N LEU B 360 -8.03 27.75 1.97
CA LEU B 360 -8.73 26.54 2.38
C LEU B 360 -8.71 26.41 3.91
N MET B 361 -9.32 25.32 4.39
CA MET B 361 -9.47 25.02 5.82
C MET B 361 -9.98 26.29 6.51
N GLU B 362 -9.39 26.73 7.62
CA GLU B 362 -9.85 27.93 8.30
C GLU B 362 -9.01 29.15 7.97
N ASN B 363 -8.28 29.13 6.85
CA ASN B 363 -7.27 30.14 6.62
C ASN B 363 -7.89 31.53 6.44
N LYS B 364 -9.12 31.60 5.93
CA LYS B 364 -9.76 32.90 5.77
C LYS B 364 -9.89 33.65 7.09
N THR B 365 -9.94 32.94 8.22
CA THR B 365 -10.06 33.61 9.51
C THR B 365 -8.82 34.42 9.89
N PHE B 366 -7.69 34.23 9.21
CA PHE B 366 -6.49 34.99 9.56
C PHE B 366 -5.82 35.71 8.40
N LEU B 367 -6.19 35.44 7.14
CA LEU B 367 -5.42 35.97 6.03
C LEU B 367 -5.43 37.50 6.03
N GLU B 368 -6.61 38.11 6.06
CA GLU B 368 -6.65 39.57 5.98
C GLU B 368 -6.08 40.19 7.26
N LYS B 369 -6.41 39.63 8.41
CA LYS B 369 -5.91 40.16 9.68
C LYS B 369 -4.38 40.17 9.74
N LEU B 370 -3.74 39.15 9.16
CA LEU B 370 -2.29 39.08 9.20
C LEU B 370 -1.63 39.72 7.99
N LYS B 371 -2.39 40.49 7.22
CA LYS B 371 -1.87 41.34 6.15
C LYS B 371 -1.43 40.52 4.94
N PHE B 372 -1.99 39.32 4.76
CA PHE B 372 -1.87 38.64 3.48
C PHE B 372 -2.57 39.46 2.40
N GLY B 373 -2.01 39.44 1.19
CA GLY B 373 -2.62 40.07 0.03
C GLY B 373 -3.08 38.99 -0.95
N ILE B 374 -4.22 39.23 -1.61
CA ILE B 374 -4.77 38.18 -2.46
C ILE B 374 -3.90 38.01 -3.70
N GLY B 375 -3.78 36.75 -4.15
CA GLY B 375 -2.90 36.43 -5.26
C GLY B 375 -3.65 36.35 -6.57
N ASP B 376 -2.89 36.28 -7.65
CA ASP B 376 -3.51 36.19 -8.97
C ASP B 376 -3.71 34.75 -9.43
N GLY B 377 -3.39 33.78 -8.59
CA GLY B 377 -3.45 32.39 -8.97
C GLY B 377 -4.42 31.57 -8.16
N ASN B 378 -5.34 30.90 -8.84
CA ASN B 378 -6.23 29.93 -8.20
C ASN B 378 -5.57 28.56 -8.20
N LEU B 379 -5.91 27.77 -7.19
CA LEU B 379 -5.53 26.36 -7.16
C LEU B 379 -6.81 25.53 -7.15
N GLN B 380 -7.09 24.86 -8.26
CA GLN B 380 -8.24 23.99 -8.42
C GLN B 380 -7.89 22.60 -7.91
N TYR B 381 -8.82 21.98 -7.19
CA TYR B 381 -8.67 20.62 -6.71
C TYR B 381 -9.58 19.70 -7.50
N TYR B 382 -9.07 18.50 -7.81
CA TYR B 382 -9.77 17.57 -8.68
C TYR B 382 -9.67 16.15 -8.15
N LEU B 383 -10.68 15.35 -8.47
CA LEU B 383 -10.66 13.92 -8.26
C LEU B 383 -10.84 13.22 -9.59
N TYR B 384 -10.12 12.12 -9.78
CA TYR B 384 -10.23 11.30 -10.97
C TYR B 384 -11.08 10.08 -10.63
N ASN B 385 -12.14 9.86 -11.42
CA ASN B 385 -13.03 8.71 -11.27
C ASN B 385 -13.73 8.71 -9.91
N TRP B 386 -14.09 9.90 -9.43
CA TRP B 386 -14.91 10.00 -8.23
C TRP B 386 -15.78 11.24 -8.36
N LYS B 387 -17.06 11.06 -8.64
CA LYS B 387 -18.00 12.17 -8.72
C LYS B 387 -18.61 12.42 -7.36
N CYS B 388 -18.56 13.67 -6.93
CA CYS B 388 -19.12 14.08 -5.65
C CYS B 388 -19.45 15.56 -5.74
N PRO B 389 -20.29 16.07 -4.85
CA PRO B 389 -20.60 17.51 -4.88
C PRO B 389 -19.33 18.34 -4.72
N SER B 390 -19.31 19.49 -5.36
CA SER B 390 -18.20 20.39 -5.09
C SER B 390 -18.37 21.01 -3.69
N MET B 391 -17.30 21.63 -3.21
CA MET B 391 -17.29 22.19 -1.85
C MET B 391 -16.58 23.55 -1.89
N GLY B 392 -16.92 24.38 -0.91
CA GLY B 392 -16.21 25.64 -0.75
C GLY B 392 -14.79 25.40 -0.27
N ALA B 393 -13.95 26.41 -0.48
CA ALA B 393 -12.53 26.30 -0.13
C ALA B 393 -12.35 25.95 1.34
N GLU B 394 -13.21 26.48 2.20
CA GLU B 394 -13.02 26.27 3.64
C GLU B 394 -13.32 24.83 4.05
N LYS B 395 -13.85 24.02 3.14
CA LYS B 395 -14.04 22.61 3.40
C LYS B 395 -12.94 21.74 2.79
N VAL B 396 -12.07 22.33 1.97
CA VAL B 396 -10.89 21.63 1.47
C VAL B 396 -9.87 21.56 2.60
N GLY B 397 -9.39 20.36 2.89
CA GLY B 397 -8.49 20.10 4.00
C GLY B 397 -7.32 19.27 3.56
N LEU B 398 -6.83 19.54 2.35
CA LEU B 398 -5.74 18.79 1.73
C LEU B 398 -4.78 19.77 1.10
N VAL B 399 -3.49 19.61 1.40
CA VAL B 399 -2.45 20.48 0.86
C VAL B 399 -1.37 19.60 0.23
N LEU B 400 -1.09 19.84 -1.05
CA LEU B 400 -0.04 19.13 -1.77
C LEU B 400 1.16 20.06 -1.95
N GLN B 401 2.21 19.52 -2.58
CA GLN B 401 3.46 20.25 -2.78
C GLN B 401 3.55 20.84 -4.19
N GLY C 1 0.23 -19.14 10.62
CA GLY C 1 1.04 -20.10 9.89
C GLY C 1 0.20 -21.20 9.27
N ASN C 2 0.80 -21.95 8.34
CA ASN C 2 0.14 -23.10 7.75
C ASN C 2 0.09 -24.24 8.77
N CYS C 3 -0.63 -25.30 8.42
CA CYS C 3 -0.81 -26.47 9.28
C CYS C 3 -0.31 -27.69 8.55
N PHE C 4 0.45 -28.55 9.23
CA PHE C 4 0.95 -29.76 8.60
C PHE C 4 0.03 -30.92 8.93
N SER C 5 -0.70 -31.38 7.93
CA SER C 5 -1.68 -32.45 8.07
C SER C 5 -1.16 -33.70 7.36
N LYS C 6 -1.66 -34.85 7.78
CA LYS C 6 -1.41 -36.11 7.08
C LYS C 6 -2.69 -36.93 7.13
N PRO C 7 -2.82 -37.94 6.27
CA PRO C 7 -4.08 -38.69 6.20
C PRO C 7 -4.46 -39.30 7.53
N ARG C 8 -5.70 -39.07 7.93
CA ARG C 8 -6.30 -39.71 9.09
C ARG C 8 -6.41 -41.21 8.84
N GLY D 1 -0.30 19.48 -10.48
CA GLY D 1 0.80 20.26 -9.96
C GLY D 1 0.35 21.49 -9.19
N ASN D 2 1.30 22.12 -8.51
CA ASN D 2 1.05 23.35 -7.78
C ASN D 2 0.87 24.51 -8.77
N CYS D 3 0.37 25.63 -8.26
CA CYS D 3 0.13 26.84 -9.03
C CYS D 3 1.06 27.92 -8.53
N PHE D 4 1.72 28.65 -9.44
CA PHE D 4 2.54 29.77 -9.03
C PHE D 4 1.70 31.04 -9.02
N SER D 5 1.51 31.62 -7.84
CA SER D 5 0.73 32.84 -7.69
C SER D 5 1.62 33.97 -7.18
N LYS D 6 1.18 35.20 -7.44
CA LYS D 6 1.84 36.37 -6.87
C LYS D 6 0.76 37.42 -6.60
N PRO D 7 1.04 38.40 -5.74
CA PRO D 7 -0.01 39.35 -5.35
C PRO D 7 -0.67 40.00 -6.56
N ARG D 8 -1.99 40.09 -6.49
CA ARG D 8 -2.79 40.75 -7.51
C ARG D 8 -2.36 42.21 -7.60
N1A COA E . -0.41 -18.32 16.72
C2A COA E . -0.78 -17.37 17.64
N3A COA E . -0.62 -17.61 18.97
C4A COA E . -0.13 -18.79 19.40
C5A COA E . 0.24 -19.74 18.50
C6A COA E . 0.08 -19.49 17.14
N6A COA E . 0.37 -20.30 15.90
N7A COA E . 0.71 -20.81 19.20
C8A COA E . 0.63 -20.51 20.52
N9A COA E . 0.12 -19.26 20.65
C1B COA E . -0.13 -18.58 21.87
C2B COA E . -0.60 -19.39 22.81
O2B COA E . -2.04 -19.57 22.68
C3B COA E . -0.26 -18.60 24.12
O3B COA E . -1.10 -17.59 24.30
P3B COA E . -2.34 -17.77 25.39
O7A COA E . -3.45 -16.79 25.06
O8A COA E . -1.82 -17.49 26.79
O9A COA E . -2.89 -19.18 25.28
C4B COA E . 1.17 -18.00 23.81
O4B COA E . 1.27 -17.92 22.50
C5B COA E . 2.23 -18.95 24.38
O5B COA E . 3.43 -18.20 24.42
P1A COA E . 4.85 -19.03 24.25
O1A COA E . 5.90 -18.14 23.58
O2A COA E . 5.31 -19.44 25.62
O3A COA E . 4.61 -20.38 23.26
P2A COA E . 5.84 -20.95 22.21
O4A COA E . 5.70 -22.46 22.09
O5A COA E . 7.22 -20.61 22.77
O6A COA E . 5.70 -20.21 20.71
CBP COA E . 5.11 -20.90 18.52
CCP COA E . 4.57 -20.56 19.93
CDP COA E . 3.92 -21.40 17.67
CEP COA E . 5.68 -19.65 17.95
CAP COA E . 6.17 -21.97 18.68
OAP COA E . 5.61 -23.09 19.33
C9P COA E . 6.73 -22.42 17.32
O9P COA E . 7.56 -21.82 16.74
N8P COA E . 6.17 -23.67 16.76
C7P COA E . 6.64 -24.20 15.44
C6P COA E . 6.21 -23.19 14.33
C5P COA E . 4.75 -22.75 14.52
O5P COA E . 3.95 -23.49 15.04
N4P COA E . 4.35 -21.41 14.03
C3P COA E . 2.98 -20.89 14.14
C2P COA E . 2.03 -21.65 13.11
S1P COA E . 0.30 -21.12 13.35
CL CL F . 13.26 -8.18 2.67
MG MG G . -0.83 -9.86 -2.30
N1A COA H . -3.07 19.48 -16.08
C2A COA H . -3.90 18.57 -16.68
N3A COA H . -4.22 18.72 -18.01
C4A COA H . -3.72 19.76 -18.71
C5A COA H . -2.91 20.67 -18.10
C6A COA H . -2.58 20.51 -16.77
N6A COA H . -1.73 21.32 -15.82
N7A COA H . -2.55 21.61 -19.03
C8A COA H . -3.15 21.27 -20.20
N9A COA H . -3.87 20.15 -20.00
C1B COA H . -4.66 19.48 -20.98
C2B COA H . -5.24 20.32 -21.83
O2B COA H . -6.52 20.79 -21.30
C3B COA H . -5.46 19.44 -23.09
O3B COA H . -6.47 18.58 -22.91
P3B COA H . -7.96 18.94 -23.57
O7A COA H . -9.04 18.15 -22.87
O8A COA H . -7.93 18.58 -25.03
O9A COA H . -8.22 20.41 -23.38
C4B COA H . -4.10 18.65 -23.14
O4B COA H . -3.71 18.47 -21.92
C5B COA H . -3.08 19.53 -23.85
O5B COA H . -2.05 18.62 -24.20
P1A COA H . -0.62 19.27 -24.69
O1A COA H . 0.54 18.32 -24.39
O2A COA H . -0.70 19.61 -26.16
O3A COA H . -0.38 20.70 -23.81
P2A COA H . 1.19 21.05 -23.26
O4A COA H . 1.30 22.55 -22.93
O5A COA H . 2.24 20.66 -24.29
O6A COA H . 1.44 20.16 -21.86
CBP COA H . 1.85 20.79 -19.59
CCP COA H . 0.78 20.63 -20.69
CDP COA H . 1.18 21.41 -18.35
CEP COA H . 2.39 19.42 -19.24
CAP COA H . 2.98 21.66 -20.12
OAP COA H . 2.46 22.83 -20.65
C9P COA H . 3.96 22.06 -19.01
O9P COA H . 4.85 21.35 -18.69
N8P COA H . 3.74 23.37 -18.37
C7P COA H . 4.61 23.88 -17.27
C6P COA H . 4.47 22.92 -16.04
C5P COA H . 3.02 22.75 -15.59
O5P COA H . 2.23 23.67 -15.65
N4P COA H . 2.61 21.45 -15.05
C3P COA H . 1.25 21.17 -14.57
C2P COA H . 0.97 21.96 -13.21
S1P COA H . -0.78 21.72 -12.79
CL CL I . 12.56 6.40 -7.02
MG MG J . -9.58 5.08 -16.70
C1 MYR K . 1.12 -18.26 11.29
O1 MYR K . 2.36 -18.12 11.30
C2 MYR K . 0.18 -17.19 11.78
C3 MYR K . 0.41 -16.84 13.25
C4 MYR K . -0.39 -15.59 13.59
C5 MYR K . -0.06 -14.98 14.94
C6 MYR K . -1.13 -13.97 15.37
C7 MYR K . -1.17 -12.71 14.51
C8 MYR K . -2.25 -11.75 15.01
C9 MYR K . -2.38 -10.45 14.20
C10 MYR K . -1.17 -9.54 14.37
C11 MYR K . -1.19 -8.34 13.41
C12 MYR K . -2.26 -7.31 13.73
C13 MYR K . -2.17 -6.15 12.73
C14 MYR K . -3.19 -5.06 13.04
C1 MYR L . -0.13 18.53 -11.41
O1 MYR L . 1.01 18.21 -11.80
C2 MYR L . -1.30 17.61 -11.61
C3 MYR L . -1.57 17.27 -13.08
C4 MYR L . -2.65 16.18 -13.09
C5 MYR L . -2.94 15.54 -14.43
C6 MYR L . -4.23 14.73 -14.34
C7 MYR L . -4.03 13.38 -13.66
C8 MYR L . -5.32 12.57 -13.63
C9 MYR L . -5.21 11.30 -12.78
C10 MYR L . -4.26 10.28 -13.36
C11 MYR L . -4.16 9.05 -12.45
C12 MYR L . -5.46 8.26 -12.35
C13 MYR L . -5.29 7.07 -11.40
C14 MYR L . -6.56 6.22 -11.27
#